data_6B96
#
_entry.id   6B96
#
_cell.length_a   72.330
_cell.length_b   96.710
_cell.length_c   102.350
_cell.angle_alpha   90.00
_cell.angle_beta   90.00
_cell.angle_gamma   90.00
#
_symmetry.space_group_name_H-M   'P 21 21 21'
#
loop_
_entity.id
_entity.type
_entity.pdbx_description
1 polymer "cGMP-dependent 3',5'-cyclic phosphodiesterase"
2 non-polymer 'ZINC ION'
3 non-polymer 'MAGNESIUM ION'
4 non-polymer 6-chloro-N-{1-[4-(trifluoromethyl)phenyl]cyclopropyl}-1H-pyrazolo[3,4-d]pyrimidin-4-amine
5 non-polymer 1,2-ETHANEDIOL
6 water water
#
_entity_poly.entity_id   1
_entity_poly.type   'polypeptide(L)'
_entity_poly.pdbx_seq_one_letter_code
;MHHHHHHENLYFQGELSTSLYKKAGFDDDDKSDDEYTKLLHDGIQPVAAIDSNFASFTYTPRSLPEDDTSMAILSMLQDM
NFINNYKIDCPTLARFCLMVKKGYRDPPYHNWMHAFSVSHFCYLLYKNLELTNYLEDIEIFALFISCMCHDLDHRGTNNS
FQVASKSVLAALYSSEGSVMERHHFAQAIAILNTHGCNIFDHFSRKDYQRMLDLMRDIILATDLAHHLRIFKDLQKMAEV
GYDRNNKQHHRLLLCLLMTSCDLSDQTKGWKTTRKIAELIYKEFFSQGDLEKAMGNRPMEMMDREKAYIPELQISFMEHI
AMPIYKLLQDLFPKAAELYERVASNREHWTKVSHKFTIRGLPSNNSLDFLDEE
;
_entity_poly.pdbx_strand_id   A,B
#
# COMPACT_ATOMS: atom_id res chain seq x y z
N SER A 19 -2.75 -29.78 -8.06
CA SER A 19 -2.63 -28.44 -7.46
C SER A 19 -1.93 -28.48 -6.09
N LEU A 20 -1.45 -29.65 -5.68
CA LEU A 20 -0.73 -29.83 -4.42
C LEU A 20 0.74 -29.58 -4.65
N TYR A 21 1.24 -28.45 -4.12
CA TYR A 21 2.64 -27.99 -4.26
C TYR A 21 3.22 -27.88 -2.86
N LYS A 22 4.21 -28.71 -2.57
CA LYS A 22 4.80 -28.79 -1.24
C LYS A 22 5.88 -27.78 -0.94
N LYS A 23 6.04 -27.49 0.35
CA LYS A 23 7.10 -26.65 0.91
C LYS A 23 8.10 -27.67 1.47
N ALA A 24 9.40 -27.47 1.20
CA ALA A 24 10.45 -28.42 1.64
C ALA A 24 10.67 -28.49 3.16
N GLY A 25 10.43 -27.38 3.86
CA GLY A 25 10.61 -27.32 5.31
C GLY A 25 9.57 -26.48 6.04
N PHE A 26 9.94 -26.04 7.25
CA PHE A 26 9.07 -25.24 8.10
C PHE A 26 9.50 -23.77 8.19
N TYR A 36 25.09 -25.73 3.18
CA TYR A 36 25.62 -24.56 3.90
C TYR A 36 27.13 -24.62 4.09
N THR A 37 27.67 -25.79 4.51
CA THR A 37 29.11 -25.99 4.71
C THR A 37 29.85 -25.96 3.37
N LYS A 38 29.23 -26.52 2.31
CA LYS A 38 29.77 -26.52 0.95
C LYS A 38 29.88 -25.06 0.47
N LEU A 39 28.83 -24.25 0.76
CA LEU A 39 28.72 -22.83 0.44
C LEU A 39 29.77 -22.01 1.23
N LEU A 40 30.09 -22.45 2.47
CA LEU A 40 31.07 -21.76 3.30
C LEU A 40 32.51 -22.06 2.81
N HIS A 41 32.75 -23.30 2.34
CA HIS A 41 34.05 -23.77 1.85
C HIS A 41 34.47 -23.13 0.52
N ASP A 42 33.55 -23.07 -0.49
CA ASP A 42 33.83 -22.49 -1.82
C ASP A 42 32.56 -21.99 -2.56
N GLY A 43 31.62 -21.39 -1.82
CA GLY A 43 30.38 -20.84 -2.37
C GLY A 43 30.57 -19.61 -3.24
N ILE A 44 31.70 -18.89 -3.07
CA ILE A 44 32.00 -17.70 -3.86
C ILE A 44 33.05 -18.03 -4.92
N GLN A 45 32.57 -18.09 -6.16
CA GLN A 45 33.35 -18.43 -7.34
C GLN A 45 33.42 -17.31 -8.36
N PRO A 46 34.52 -17.19 -9.15
CA PRO A 46 34.53 -16.16 -10.20
C PRO A 46 33.46 -16.61 -11.21
N VAL A 47 32.63 -15.68 -11.73
CA VAL A 47 31.54 -16.00 -12.65
C VAL A 47 31.97 -16.78 -13.94
N ALA A 48 33.18 -16.51 -14.46
CA ALA A 48 33.71 -17.18 -15.67
C ALA A 48 33.91 -18.67 -15.43
N ALA A 49 34.13 -19.08 -14.15
CA ALA A 49 34.29 -20.48 -13.76
C ALA A 49 32.94 -21.20 -13.84
N ILE A 50 31.83 -20.45 -13.70
CA ILE A 50 30.48 -21.02 -13.78
C ILE A 50 30.22 -21.28 -15.29
N ASP A 51 30.39 -20.25 -16.13
CA ASP A 51 30.23 -20.32 -17.59
C ASP A 51 30.90 -19.11 -18.24
N SER A 52 31.67 -19.33 -19.33
CA SER A 52 32.30 -18.21 -20.04
C SER A 52 31.23 -17.23 -20.57
N ASN A 53 30.00 -17.70 -20.79
CA ASN A 53 28.88 -16.89 -21.32
C ASN A 53 27.92 -16.36 -20.21
N PHE A 54 28.30 -16.54 -18.92
CA PHE A 54 27.48 -16.17 -17.75
C PHE A 54 26.99 -14.73 -17.71
N ALA A 55 27.77 -13.78 -18.25
CA ALA A 55 27.41 -12.35 -18.24
C ALA A 55 26.77 -11.86 -19.51
N SER A 56 26.34 -12.81 -20.37
CA SER A 56 25.72 -12.50 -21.65
C SER A 56 24.21 -12.68 -21.66
N PHE A 57 23.52 -11.87 -22.48
CA PHE A 57 22.08 -11.99 -22.67
C PHE A 57 21.72 -13.32 -23.38
N THR A 58 22.74 -14.07 -23.91
CA THR A 58 22.52 -15.36 -24.59
C THR A 58 22.62 -16.53 -23.59
N TYR A 59 22.97 -16.24 -22.33
CA TYR A 59 23.05 -17.28 -21.31
C TYR A 59 21.65 -17.67 -20.89
N THR A 60 21.43 -18.95 -20.62
CA THR A 60 20.14 -19.44 -20.16
C THR A 60 20.34 -19.94 -18.73
N PRO A 61 20.04 -19.10 -17.72
CA PRO A 61 20.24 -19.51 -16.31
C PRO A 61 19.52 -20.80 -15.89
N ARG A 62 18.45 -21.17 -16.60
CA ARG A 62 17.72 -22.43 -16.30
C ARG A 62 18.52 -23.69 -16.63
N SER A 63 19.62 -23.53 -17.40
CA SER A 63 20.52 -24.62 -17.76
C SER A 63 21.47 -24.94 -16.59
N LEU A 64 21.57 -24.04 -15.62
CA LEU A 64 22.44 -24.28 -14.47
C LEU A 64 21.78 -25.29 -13.48
N PRO A 65 22.51 -26.36 -13.04
CA PRO A 65 21.92 -27.32 -12.08
C PRO A 65 21.41 -26.59 -10.84
N GLU A 66 20.22 -26.99 -10.36
CA GLU A 66 19.60 -26.40 -9.17
C GLU A 66 20.55 -26.34 -7.97
N ASP A 67 21.34 -27.42 -7.74
CA ASP A 67 22.30 -27.48 -6.65
C ASP A 67 23.41 -26.40 -6.73
N ASP A 68 23.64 -25.80 -7.92
CA ASP A 68 24.68 -24.78 -8.11
C ASP A 68 24.17 -23.34 -8.06
N THR A 69 22.84 -23.15 -7.93
CA THR A 69 22.20 -21.82 -7.96
C THR A 69 22.55 -20.94 -6.75
N SER A 70 22.63 -21.53 -5.53
CA SER A 70 22.99 -20.74 -4.34
C SER A 70 24.41 -20.16 -4.48
N MET A 71 25.37 -20.97 -4.97
CA MET A 71 26.75 -20.59 -5.27
C MET A 71 26.74 -19.46 -6.33
N ALA A 72 25.90 -19.58 -7.37
CA ALA A 72 25.81 -18.57 -8.43
C ALA A 72 25.31 -17.23 -7.92
N ILE A 73 24.30 -17.25 -6.99
CA ILE A 73 23.75 -16.02 -6.39
C ILE A 73 24.89 -15.28 -5.67
N LEU A 74 25.68 -16.00 -4.84
CA LEU A 74 26.83 -15.42 -4.11
C LEU A 74 27.85 -14.83 -5.08
N SER A 75 28.16 -15.57 -6.17
CA SER A 75 29.08 -15.17 -7.23
C SER A 75 28.61 -13.91 -7.90
N MET A 76 27.29 -13.78 -8.17
CA MET A 76 26.75 -12.55 -8.80
C MET A 76 26.88 -11.35 -7.88
N LEU A 77 26.59 -11.55 -6.57
CA LEU A 77 26.70 -10.50 -5.55
C LEU A 77 28.15 -10.09 -5.41
N GLN A 78 29.10 -11.07 -5.45
CA GLN A 78 30.54 -10.79 -5.37
C GLN A 78 30.98 -9.99 -6.60
N ASP A 79 30.57 -10.44 -7.83
CA ASP A 79 30.91 -9.80 -9.10
C ASP A 79 30.38 -8.36 -9.23
N MET A 80 29.24 -8.05 -8.61
CA MET A 80 28.68 -6.70 -8.64
C MET A 80 29.28 -5.87 -7.46
N ASN A 81 30.19 -6.51 -6.68
CA ASN A 81 30.90 -5.99 -5.50
C ASN A 81 29.96 -5.56 -4.35
N PHE A 82 28.76 -6.18 -4.26
CA PHE A 82 27.83 -5.83 -3.17
C PHE A 82 28.30 -6.37 -1.82
N ILE A 83 28.93 -7.55 -1.79
CA ILE A 83 29.43 -8.17 -0.55
C ILE A 83 30.45 -7.23 0.16
N ASN A 84 31.47 -6.73 -0.58
CA ASN A 84 32.49 -5.84 -0.02
C ASN A 84 31.97 -4.43 0.26
N ASN A 85 31.32 -3.78 -0.73
CA ASN A 85 30.76 -2.42 -0.60
C ASN A 85 29.75 -2.24 0.54
N TYR A 86 28.92 -3.28 0.83
CA TYR A 86 27.93 -3.20 1.91
C TYR A 86 28.34 -3.97 3.15
N LYS A 87 29.59 -4.51 3.17
CA LYS A 87 30.17 -5.27 4.29
C LYS A 87 29.23 -6.38 4.76
N ILE A 88 28.71 -7.17 3.81
CA ILE A 88 27.79 -8.27 4.08
C ILE A 88 28.59 -9.45 4.64
N ASP A 89 28.12 -10.01 5.75
CA ASP A 89 28.74 -11.17 6.35
C ASP A 89 28.40 -12.39 5.47
N CYS A 90 29.43 -13.06 4.91
CA CYS A 90 29.28 -14.23 4.03
C CYS A 90 28.45 -15.36 4.67
N PRO A 91 28.71 -15.84 5.92
CA PRO A 91 27.85 -16.90 6.50
C PRO A 91 26.36 -16.51 6.54
N THR A 92 26.06 -15.25 6.87
CA THR A 92 24.70 -14.69 6.94
C THR A 92 24.09 -14.70 5.53
N LEU A 93 24.87 -14.23 4.53
CA LEU A 93 24.45 -14.20 3.13
C LEU A 93 24.16 -15.59 2.63
N ALA A 94 25.01 -16.55 2.97
CA ALA A 94 24.85 -17.95 2.60
C ALA A 94 23.55 -18.53 3.22
N ARG A 95 23.26 -18.28 4.54
CA ARG A 95 22.04 -18.75 5.20
C ARG A 95 20.82 -18.06 4.56
N PHE A 96 20.90 -16.72 4.33
CA PHE A 96 19.80 -15.95 3.69
C PHE A 96 19.41 -16.58 2.33
N CYS A 97 20.41 -16.85 1.46
N CYS A 97 20.40 -16.85 1.43
CA CYS A 97 20.20 -17.45 0.13
CA CYS A 97 20.15 -17.44 0.10
C CYS A 97 19.51 -18.81 0.21
C CYS A 97 19.49 -18.81 0.22
N LEU A 98 19.97 -19.67 1.15
CA LEU A 98 19.39 -21.00 1.37
C LEU A 98 17.95 -20.92 1.92
N MET A 99 17.65 -19.90 2.76
CA MET A 99 16.31 -19.67 3.30
C MET A 99 15.37 -19.22 2.18
N VAL A 100 15.87 -18.31 1.31
CA VAL A 100 15.11 -17.80 0.18
C VAL A 100 14.75 -18.97 -0.74
N LYS A 101 15.76 -19.79 -1.09
CA LYS A 101 15.58 -20.99 -1.94
C LYS A 101 14.52 -21.96 -1.35
N LYS A 102 14.62 -22.25 -0.03
CA LYS A 102 13.68 -23.14 0.70
C LYS A 102 12.28 -22.50 0.83
N GLY A 103 12.19 -21.17 0.64
CA GLY A 103 10.94 -20.43 0.72
C GLY A 103 10.01 -20.59 -0.49
N TYR A 104 10.46 -21.31 -1.54
CA TYR A 104 9.66 -21.53 -2.77
C TYR A 104 9.04 -22.90 -2.74
N ARG A 105 7.82 -23.03 -3.23
CA ARG A 105 7.19 -24.35 -3.32
C ARG A 105 7.56 -24.93 -4.68
N ASP A 106 6.92 -26.05 -5.09
CA ASP A 106 7.28 -26.63 -6.37
C ASP A 106 6.14 -26.61 -7.44
N PRO A 107 5.45 -25.48 -7.73
CA PRO A 107 4.48 -25.51 -8.84
C PRO A 107 5.31 -25.58 -10.15
N PRO A 108 4.71 -25.90 -11.33
CA PRO A 108 5.53 -26.02 -12.56
C PRO A 108 6.34 -24.78 -12.92
N TYR A 109 5.77 -23.58 -12.73
CA TYR A 109 6.48 -22.36 -13.10
C TYR A 109 7.03 -21.51 -11.92
N HIS A 110 6.17 -21.12 -10.99
CA HIS A 110 6.58 -20.26 -9.87
C HIS A 110 7.34 -20.98 -8.73
N ASN A 111 8.50 -21.49 -9.06
CA ASN A 111 9.39 -22.19 -8.13
C ASN A 111 10.74 -21.42 -8.03
N TRP A 112 11.70 -21.98 -7.29
CA TRP A 112 13.02 -21.34 -7.11
C TRP A 112 13.78 -21.10 -8.44
N MET A 113 13.70 -22.05 -9.41
CA MET A 113 14.40 -21.88 -10.69
C MET A 113 13.89 -20.62 -11.41
N HIS A 114 12.59 -20.29 -11.26
CA HIS A 114 12.07 -19.06 -11.86
C HIS A 114 12.73 -17.85 -11.14
N ALA A 115 12.75 -17.85 -9.77
CA ALA A 115 13.35 -16.70 -9.05
C ALA A 115 14.84 -16.56 -9.36
N PHE A 116 15.56 -17.69 -9.47
CA PHE A 116 16.98 -17.68 -9.79
C PHE A 116 17.23 -17.01 -11.15
N SER A 117 16.46 -17.41 -12.19
N SER A 117 16.44 -17.40 -12.17
CA SER A 117 16.60 -16.87 -13.54
CA SER A 117 16.51 -16.90 -13.55
C SER A 117 16.24 -15.39 -13.59
C SER A 117 16.21 -15.41 -13.60
N VAL A 118 15.24 -14.97 -12.78
CA VAL A 118 14.84 -13.55 -12.72
C VAL A 118 16.04 -12.76 -12.14
N SER A 119 16.68 -13.30 -11.08
CA SER A 119 17.84 -12.69 -10.40
C SER A 119 19.03 -12.61 -11.35
N HIS A 120 19.23 -13.66 -12.15
CA HIS A 120 20.33 -13.67 -13.12
C HIS A 120 20.10 -12.57 -14.16
N PHE A 121 18.85 -12.36 -14.58
CA PHE A 121 18.60 -11.29 -15.55
C PHE A 121 18.93 -9.92 -14.96
N CYS A 122 18.65 -9.73 -13.67
CA CYS A 122 18.97 -8.47 -12.99
C CYS A 122 20.50 -8.22 -13.03
N TYR A 123 21.29 -9.30 -12.78
CA TYR A 123 22.74 -9.25 -12.87
C TYR A 123 23.15 -8.91 -14.33
N LEU A 124 22.46 -9.50 -15.35
CA LEU A 124 22.79 -9.19 -16.76
C LEU A 124 22.58 -7.72 -17.10
N LEU A 125 21.50 -7.11 -16.56
CA LEU A 125 21.18 -5.68 -16.79
C LEU A 125 22.31 -4.81 -16.21
N TYR A 126 22.81 -5.17 -15.01
CA TYR A 126 23.91 -4.48 -14.33
C TYR A 126 25.20 -4.60 -15.19
N LYS A 127 25.51 -5.81 -15.65
CA LYS A 127 26.72 -6.08 -16.46
C LYS A 127 26.68 -5.48 -17.87
N ASN A 128 25.51 -5.43 -18.50
CA ASN A 128 25.40 -4.99 -19.89
C ASN A 128 24.84 -3.60 -20.15
N LEU A 129 24.07 -3.02 -19.21
CA LEU A 129 23.46 -1.71 -19.48
C LEU A 129 24.06 -0.54 -18.68
N GLU A 130 25.05 -0.77 -17.81
CA GLU A 130 25.64 0.34 -17.00
C GLU A 130 24.54 1.07 -16.22
N LEU A 131 23.85 0.31 -15.32
CA LEU A 131 22.75 0.81 -14.49
C LEU A 131 23.21 1.87 -13.51
N THR A 132 24.49 1.80 -13.09
CA THR A 132 25.12 2.75 -12.14
C THR A 132 24.97 4.22 -12.60
N ASN A 133 24.73 4.45 -13.90
CA ASN A 133 24.51 5.79 -14.50
C ASN A 133 23.05 6.26 -14.42
N TYR A 134 22.12 5.38 -14.01
CA TYR A 134 20.69 5.69 -13.94
C TYR A 134 20.14 5.59 -12.52
N LEU A 135 20.68 4.66 -11.70
CA LEU A 135 20.23 4.38 -10.35
C LEU A 135 21.36 4.33 -9.34
N GLU A 136 21.02 4.53 -8.06
CA GLU A 136 21.93 4.49 -6.93
C GLU A 136 22.27 3.04 -6.67
N ASP A 137 23.47 2.76 -6.12
CA ASP A 137 23.93 1.40 -5.82
C ASP A 137 22.97 0.63 -4.90
N ILE A 138 22.32 1.34 -3.95
CA ILE A 138 21.38 0.77 -2.99
C ILE A 138 20.09 0.29 -3.70
N GLU A 139 19.68 0.98 -4.76
CA GLU A 139 18.50 0.66 -5.54
C GLU A 139 18.74 -0.58 -6.39
N ILE A 140 19.98 -0.72 -6.93
CA ILE A 140 20.37 -1.87 -7.75
C ILE A 140 20.45 -3.09 -6.82
N PHE A 141 20.99 -2.89 -5.59
CA PHE A 141 21.10 -3.94 -4.58
C PHE A 141 19.71 -4.45 -4.21
N ALA A 142 18.77 -3.52 -3.95
CA ALA A 142 17.40 -3.84 -3.60
C ALA A 142 16.72 -4.57 -4.75
N LEU A 143 16.98 -4.14 -6.02
CA LEU A 143 16.41 -4.78 -7.20
C LEU A 143 16.78 -6.26 -7.24
N PHE A 144 18.08 -6.58 -7.06
CA PHE A 144 18.60 -7.96 -7.06
C PHE A 144 18.00 -8.80 -5.97
N ILE A 145 18.01 -8.30 -4.70
CA ILE A 145 17.44 -9.03 -3.57
C ILE A 145 15.95 -9.25 -3.79
N SER A 146 15.23 -8.22 -4.28
CA SER A 146 13.80 -8.31 -4.58
C SER A 146 13.52 -9.39 -5.63
N CYS A 147 14.38 -9.51 -6.67
CA CYS A 147 14.26 -10.54 -7.72
C CYS A 147 14.29 -11.93 -7.09
N MET A 148 15.20 -12.13 -6.13
CA MET A 148 15.34 -13.42 -5.44
C MET A 148 14.07 -13.76 -4.62
N CYS A 149 13.47 -12.73 -3.99
CA CYS A 149 12.30 -12.87 -3.10
C CYS A 149 10.92 -12.68 -3.71
N HIS A 150 10.83 -12.10 -4.91
CA HIS A 150 9.61 -11.61 -5.56
C HIS A 150 8.45 -12.60 -5.68
N ASP A 151 8.66 -13.92 -5.72
CA ASP A 151 7.54 -14.88 -5.79
C ASP A 151 7.52 -15.86 -4.61
N LEU A 152 8.17 -15.51 -3.50
CA LEU A 152 8.29 -16.37 -2.31
C LEU A 152 6.96 -17.01 -1.86
N ASP A 153 6.96 -18.33 -1.65
CA ASP A 153 5.81 -19.09 -1.18
C ASP A 153 4.58 -19.00 -2.14
N HIS A 154 4.82 -18.83 -3.47
CA HIS A 154 3.77 -18.76 -4.49
C HIS A 154 3.05 -20.13 -4.48
N ARG A 155 1.73 -20.13 -4.62
CA ARG A 155 0.93 -21.38 -4.55
C ARG A 155 0.49 -21.92 -5.90
N GLY A 156 0.99 -21.31 -6.98
CA GLY A 156 0.63 -21.72 -8.33
C GLY A 156 -0.75 -21.18 -8.72
N THR A 157 -1.27 -20.20 -7.98
CA THR A 157 -2.58 -19.61 -8.28
C THR A 157 -2.43 -18.09 -8.35
N ASN A 158 -3.33 -17.40 -9.06
CA ASN A 158 -3.28 -15.95 -9.21
C ASN A 158 -4.02 -15.26 -8.07
N ASN A 159 -4.09 -13.94 -8.13
CA ASN A 159 -4.77 -13.14 -7.11
C ASN A 159 -6.27 -13.40 -7.03
N SER A 160 -6.97 -13.51 -8.19
CA SER A 160 -8.42 -13.76 -8.28
C SER A 160 -8.79 -15.04 -7.54
N PHE A 161 -7.94 -16.08 -7.67
CA PHE A 161 -8.16 -17.35 -6.98
C PHE A 161 -8.14 -17.19 -5.46
N GLN A 162 -7.20 -16.39 -4.93
CA GLN A 162 -7.11 -16.16 -3.47
C GLN A 162 -8.43 -15.57 -2.95
N VAL A 163 -8.96 -14.58 -3.66
CA VAL A 163 -10.21 -13.90 -3.34
C VAL A 163 -11.39 -14.90 -3.40
N ALA A 164 -11.55 -15.64 -4.52
CA ALA A 164 -12.64 -16.61 -4.72
C ALA A 164 -12.61 -17.78 -3.73
N SER A 165 -11.41 -18.32 -3.44
CA SER A 165 -11.26 -19.42 -2.49
C SER A 165 -11.36 -18.92 -1.02
N LYS A 166 -11.54 -17.59 -0.82
CA LYS A 166 -11.61 -16.92 0.48
C LYS A 166 -10.46 -17.38 1.37
N SER A 167 -9.24 -17.33 0.81
CA SER A 167 -8.05 -17.77 1.49
C SER A 167 -7.65 -16.80 2.59
N VAL A 168 -6.75 -17.24 3.48
CA VAL A 168 -6.17 -16.50 4.60
C VAL A 168 -5.40 -15.28 4.04
N LEU A 169 -4.69 -15.48 2.91
CA LEU A 169 -3.95 -14.41 2.23
C LEU A 169 -4.92 -13.37 1.71
N ALA A 170 -6.07 -13.78 1.15
CA ALA A 170 -7.06 -12.80 0.69
C ALA A 170 -7.69 -12.07 1.90
N ALA A 171 -7.89 -12.77 3.03
CA ALA A 171 -8.45 -12.15 4.24
C ALA A 171 -7.50 -11.04 4.73
N LEU A 172 -6.19 -11.29 4.68
CA LEU A 172 -5.15 -10.35 5.09
C LEU A 172 -4.97 -9.18 4.14
N TYR A 173 -4.92 -9.44 2.80
CA TYR A 173 -4.59 -8.38 1.85
C TYR A 173 -5.58 -7.97 0.76
N SER A 174 -6.68 -8.71 0.52
CA SER A 174 -7.58 -8.34 -0.60
C SER A 174 -8.08 -6.90 -0.58
N SER A 175 -8.36 -6.34 0.59
CA SER A 175 -8.87 -4.96 0.66
C SER A 175 -7.83 -3.92 0.19
N GLU A 176 -6.54 -4.28 0.22
CA GLU A 176 -5.43 -3.39 -0.16
C GLU A 176 -4.86 -3.63 -1.56
N GLY A 177 -5.21 -4.76 -2.18
CA GLY A 177 -4.78 -5.14 -3.53
C GLY A 177 -3.51 -5.97 -3.55
N SER A 178 -3.22 -6.64 -4.71
CA SER A 178 -2.00 -7.44 -4.92
C SER A 178 -1.74 -8.42 -3.79
N VAL A 179 -2.72 -9.28 -3.51
CA VAL A 179 -2.70 -10.31 -2.46
C VAL A 179 -1.38 -11.10 -2.44
N MET A 180 -1.03 -11.78 -3.56
CA MET A 180 0.20 -12.59 -3.61
C MET A 180 1.46 -11.78 -3.41
N GLU A 181 1.56 -10.64 -4.09
CA GLU A 181 2.73 -9.75 -4.00
C GLU A 181 2.97 -9.24 -2.55
N ARG A 182 1.88 -8.91 -1.80
CA ARG A 182 1.98 -8.45 -0.40
C ARG A 182 2.48 -9.64 0.44
N HIS A 183 2.04 -10.88 0.11
CA HIS A 183 2.49 -12.08 0.80
C HIS A 183 3.97 -12.34 0.53
N HIS A 184 4.42 -12.22 -0.75
CA HIS A 184 5.84 -12.45 -1.13
C HIS A 184 6.75 -11.51 -0.31
N PHE A 185 6.37 -10.25 -0.17
CA PHE A 185 7.11 -9.27 0.62
C PHE A 185 7.10 -9.67 2.10
N ALA A 186 5.94 -10.05 2.64
CA ALA A 186 5.81 -10.48 4.05
C ALA A 186 6.70 -11.67 4.32
N GLN A 187 6.83 -12.60 3.35
CA GLN A 187 7.71 -13.77 3.50
C GLN A 187 9.20 -13.36 3.47
N ALA A 188 9.56 -12.35 2.66
CA ALA A 188 10.95 -11.84 2.58
C ALA A 188 11.36 -11.25 3.94
N ILE A 189 10.44 -10.47 4.56
CA ILE A 189 10.61 -9.84 5.88
C ILE A 189 10.79 -10.88 6.99
N ALA A 190 10.03 -11.98 6.93
CA ALA A 190 10.09 -13.05 7.91
C ALA A 190 11.46 -13.73 7.81
N ILE A 191 12.03 -13.82 6.59
CA ILE A 191 13.36 -14.41 6.39
C ILE A 191 14.40 -13.48 7.08
N LEU A 192 14.31 -12.17 6.82
CA LEU A 192 15.20 -11.18 7.41
C LEU A 192 15.12 -11.21 8.96
N ASN A 193 13.94 -11.50 9.52
CA ASN A 193 13.74 -11.58 10.96
C ASN A 193 14.14 -12.92 11.56
N THR A 194 14.59 -13.88 10.73
CA THR A 194 15.05 -15.17 11.22
C THR A 194 16.50 -15.00 11.68
N HIS A 195 16.81 -15.53 12.88
CA HIS A 195 18.16 -15.42 13.47
C HIS A 195 19.23 -16.01 12.55
N GLY A 196 20.24 -15.20 12.25
CA GLY A 196 21.37 -15.58 11.41
C GLY A 196 21.20 -15.32 9.92
N CYS A 197 20.04 -14.75 9.49
CA CYS A 197 19.71 -14.50 8.08
C CYS A 197 19.59 -13.03 7.72
N ASN A 198 19.70 -12.15 8.71
CA ASN A 198 19.59 -10.73 8.46
C ASN A 198 20.85 -10.12 7.83
N ILE A 199 20.88 -10.10 6.49
CA ILE A 199 21.99 -9.57 5.69
C ILE A 199 22.10 -8.05 5.82
N PHE A 200 21.06 -7.38 6.34
CA PHE A 200 21.05 -5.92 6.52
C PHE A 200 21.17 -5.51 7.99
N ASP A 201 21.47 -6.46 8.86
CA ASP A 201 21.54 -6.27 10.31
C ASP A 201 22.39 -5.06 10.75
N HIS A 202 23.57 -4.88 10.14
CA HIS A 202 24.53 -3.82 10.45
C HIS A 202 24.22 -2.46 9.80
N PHE A 203 23.17 -2.37 8.96
CA PHE A 203 22.80 -1.12 8.31
C PHE A 203 22.24 -0.15 9.33
N SER A 204 22.36 1.16 9.06
CA SER A 204 21.81 2.18 9.95
C SER A 204 20.28 2.06 9.87
N ARG A 205 19.55 2.60 10.88
CA ARG A 205 18.09 2.52 10.91
C ARG A 205 17.47 3.10 9.63
N LYS A 206 18.05 4.21 9.13
CA LYS A 206 17.60 4.87 7.90
C LYS A 206 17.82 3.99 6.66
N ASP A 207 19.02 3.37 6.52
CA ASP A 207 19.34 2.52 5.37
C ASP A 207 18.57 1.19 5.39
N TYR A 208 18.30 0.66 6.60
CA TYR A 208 17.55 -0.58 6.80
C TYR A 208 16.11 -0.34 6.32
N GLN A 209 15.52 0.79 6.74
CA GLN A 209 14.17 1.19 6.36
C GLN A 209 14.08 1.43 4.87
N ARG A 210 15.12 2.06 4.29
CA ARG A 210 15.16 2.36 2.85
C ARG A 210 15.14 1.02 2.06
N MET A 211 15.88 0.02 2.53
CA MET A 211 15.92 -1.31 1.93
C MET A 211 14.53 -1.95 1.94
N LEU A 212 13.83 -1.88 3.09
CA LEU A 212 12.49 -2.41 3.30
C LEU A 212 11.50 -1.71 2.35
N ASP A 213 11.57 -0.36 2.24
CA ASP A 213 10.69 0.43 1.37
C ASP A 213 10.91 0.10 -0.13
N LEU A 214 12.18 -0.06 -0.54
CA LEU A 214 12.52 -0.37 -1.92
C LEU A 214 12.02 -1.77 -2.26
N MET A 215 12.28 -2.75 -1.40
CA MET A 215 11.82 -4.12 -1.61
C MET A 215 10.29 -4.20 -1.71
N ARG A 216 9.56 -3.40 -0.91
CA ARG A 216 8.10 -3.36 -0.93
C ARG A 216 7.62 -2.89 -2.31
N ASP A 217 8.08 -1.71 -2.75
CA ASP A 217 7.73 -1.11 -4.03
C ASP A 217 8.13 -1.98 -5.22
N ILE A 218 9.31 -2.59 -5.16
CA ILE A 218 9.79 -3.45 -6.27
C ILE A 218 8.95 -4.72 -6.38
N ILE A 219 8.69 -5.39 -5.26
CA ILE A 219 7.88 -6.62 -5.26
C ILE A 219 6.43 -6.30 -5.72
N LEU A 220 5.83 -5.21 -5.24
CA LEU A 220 4.48 -4.81 -5.64
C LEU A 220 4.40 -4.47 -7.13
N ALA A 221 5.53 -4.06 -7.75
CA ALA A 221 5.58 -3.75 -9.18
C ALA A 221 5.44 -5.02 -10.04
N THR A 222 5.63 -6.23 -9.45
CA THR A 222 5.50 -7.51 -10.19
C THR A 222 4.04 -7.90 -10.44
N ASP A 223 3.08 -7.14 -9.89
CA ASP A 223 1.66 -7.41 -10.12
C ASP A 223 1.34 -6.80 -11.48
N LEU A 224 0.91 -7.64 -12.42
CA LEU A 224 0.56 -7.18 -13.75
C LEU A 224 -0.46 -6.01 -13.69
N ALA A 225 -1.43 -6.06 -12.77
CA ALA A 225 -2.42 -4.98 -12.62
C ALA A 225 -1.70 -3.64 -12.32
N HIS A 226 -0.59 -3.68 -11.55
CA HIS A 226 0.19 -2.47 -11.24
C HIS A 226 0.87 -1.94 -12.50
N HIS A 227 1.43 -2.85 -13.32
CA HIS A 227 2.08 -2.49 -14.59
C HIS A 227 1.08 -1.80 -15.52
N LEU A 228 -0.16 -2.35 -15.63
CA LEU A 228 -1.23 -1.78 -16.47
C LEU A 228 -1.56 -0.34 -16.03
N ARG A 229 -1.60 -0.09 -14.72
CA ARG A 229 -1.89 1.21 -14.08
C ARG A 229 -0.81 2.27 -14.31
N ILE A 230 0.47 1.89 -14.36
CA ILE A 230 1.58 2.84 -14.54
C ILE A 230 2.14 2.92 -15.98
N PHE A 231 1.60 2.12 -16.91
CA PHE A 231 2.11 2.07 -18.28
C PHE A 231 2.23 3.44 -18.93
N LYS A 232 1.10 4.21 -18.97
CA LYS A 232 1.01 5.57 -19.53
C LYS A 232 2.13 6.49 -19.04
N ASP A 233 2.54 6.33 -17.76
CA ASP A 233 3.61 7.11 -17.13
C ASP A 233 4.99 6.60 -17.53
N LEU A 234 5.11 5.26 -17.75
CA LEU A 234 6.37 4.68 -18.19
C LEU A 234 6.58 5.15 -19.66
N GLN A 235 5.51 5.09 -20.50
CA GLN A 235 5.58 5.50 -21.91
C GLN A 235 5.84 7.02 -22.05
N LYS A 236 5.50 7.82 -21.02
CA LYS A 236 5.73 9.27 -20.97
C LYS A 236 7.20 9.52 -20.62
N MET A 237 7.74 8.77 -19.62
CA MET A 237 9.14 8.87 -19.19
C MET A 237 10.13 8.60 -20.35
N ALA A 238 9.86 7.56 -21.16
CA ALA A 238 10.69 7.18 -22.31
C ALA A 238 10.64 8.28 -23.41
N GLU A 239 9.44 8.87 -23.61
CA GLU A 239 9.15 9.95 -24.57
C GLU A 239 9.91 11.25 -24.20
N VAL A 240 9.88 11.62 -22.91
CA VAL A 240 10.48 12.83 -22.32
C VAL A 240 11.98 12.62 -21.99
N GLY A 241 12.43 11.37 -21.93
CA GLY A 241 13.81 11.03 -21.63
C GLY A 241 14.04 10.90 -20.14
N TYR A 242 14.91 9.95 -19.74
CA TYR A 242 15.23 9.67 -18.35
C TYR A 242 16.01 10.79 -17.66
N ASP A 243 15.52 11.21 -16.48
CA ASP A 243 16.10 12.26 -15.64
C ASP A 243 16.59 11.66 -14.31
N ARG A 244 17.91 11.48 -14.20
CA ARG A 244 18.62 10.91 -13.06
C ARG A 244 18.43 11.65 -11.73
N ASN A 245 17.85 12.87 -11.75
CA ASN A 245 17.64 13.65 -10.54
C ASN A 245 16.16 13.65 -10.11
N ASN A 246 15.28 13.12 -10.98
CA ASN A 246 13.86 13.00 -10.70
C ASN A 246 13.65 11.68 -9.93
N LYS A 247 13.29 11.77 -8.62
CA LYS A 247 13.08 10.62 -7.73
C LYS A 247 11.98 9.68 -8.23
N GLN A 248 10.96 10.25 -8.90
CA GLN A 248 9.84 9.51 -9.48
C GLN A 248 10.34 8.68 -10.67
N HIS A 249 11.32 9.22 -11.44
CA HIS A 249 11.91 8.53 -12.60
C HIS A 249 12.65 7.28 -12.13
N HIS A 250 13.32 7.36 -10.95
CA HIS A 250 14.04 6.25 -10.32
C HIS A 250 13.01 5.14 -9.95
N ARG A 251 11.86 5.54 -9.34
CA ARG A 251 10.77 4.62 -8.95
C ARG A 251 10.17 3.92 -10.18
N LEU A 252 9.87 4.70 -11.26
CA LEU A 252 9.32 4.16 -12.50
C LEU A 252 10.29 3.20 -13.20
N LEU A 253 11.60 3.54 -13.23
CA LEU A 253 12.63 2.71 -13.85
C LEU A 253 12.75 1.37 -13.14
N LEU A 254 12.77 1.38 -11.80
CA LEU A 254 12.82 0.18 -10.96
C LEU A 254 11.64 -0.73 -11.24
N CYS A 255 10.44 -0.14 -11.48
CA CYS A 255 9.23 -0.90 -11.80
C CYS A 255 9.41 -1.58 -13.15
N LEU A 256 9.85 -0.82 -14.18
CA LEU A 256 10.08 -1.38 -15.52
C LEU A 256 11.17 -2.46 -15.50
N LEU A 257 12.28 -2.21 -14.78
CA LEU A 257 13.38 -3.17 -14.69
C LEU A 257 12.96 -4.45 -14.02
N MET A 258 12.10 -4.34 -12.98
CA MET A 258 11.60 -5.52 -12.28
C MET A 258 10.70 -6.37 -13.22
N THR A 259 9.78 -5.74 -13.97
CA THR A 259 8.91 -6.46 -14.92
C THR A 259 9.76 -7.09 -16.07
N SER A 260 10.86 -6.41 -16.50
N SER A 260 10.86 -6.40 -16.48
CA SER A 260 11.74 -6.94 -17.55
CA SER A 260 11.80 -6.88 -17.52
C SER A 260 12.45 -8.19 -17.02
C SER A 260 12.54 -8.12 -17.02
N CYS A 261 12.82 -8.21 -15.72
CA CYS A 261 13.49 -9.39 -15.12
C CYS A 261 12.47 -10.52 -15.00
N ASP A 262 11.23 -10.19 -14.56
CA ASP A 262 10.16 -11.16 -14.38
C ASP A 262 9.80 -11.89 -15.69
N LEU A 263 9.83 -11.17 -16.81
CA LEU A 263 9.47 -11.75 -18.12
C LEU A 263 10.67 -12.14 -18.97
N SER A 264 11.87 -12.12 -18.40
CA SER A 264 13.11 -12.37 -19.13
C SER A 264 13.24 -13.73 -19.85
N ASP A 265 12.40 -14.74 -19.51
CA ASP A 265 12.42 -16.04 -20.21
C ASP A 265 12.01 -15.82 -21.67
N GLN A 266 11.29 -14.70 -21.95
CA GLN A 266 10.84 -14.33 -23.30
C GLN A 266 11.98 -13.81 -24.20
N THR A 267 13.11 -13.40 -23.60
CA THR A 267 14.28 -12.87 -24.29
C THR A 267 15.27 -13.97 -24.67
N LYS A 268 14.97 -15.23 -24.37
CA LYS A 268 15.92 -16.29 -24.70
C LYS A 268 15.59 -16.93 -26.06
N GLY A 269 16.20 -18.07 -26.36
CA GLY A 269 15.95 -18.78 -27.61
C GLY A 269 14.56 -19.38 -27.63
N TRP A 270 14.10 -19.80 -28.82
CA TRP A 270 12.77 -20.40 -29.00
C TRP A 270 12.53 -21.63 -28.13
N LYS A 271 13.57 -22.48 -27.88
CA LYS A 271 13.40 -23.69 -27.04
C LYS A 271 13.03 -23.32 -25.61
N THR A 272 13.62 -22.22 -25.09
CA THR A 272 13.31 -21.73 -23.76
C THR A 272 11.87 -21.21 -23.71
N THR A 273 11.48 -20.31 -24.64
CA THR A 273 10.12 -19.76 -24.64
C THR A 273 9.06 -20.84 -24.76
N ARG A 274 9.30 -21.86 -25.60
CA ARG A 274 8.35 -22.97 -25.77
C ARG A 274 8.20 -23.78 -24.46
N LYS A 275 9.32 -24.11 -23.80
CA LYS A 275 9.32 -24.87 -22.54
C LYS A 275 8.64 -24.04 -21.44
N ILE A 276 8.91 -22.73 -21.39
CA ILE A 276 8.32 -21.89 -20.35
C ILE A 276 6.80 -21.78 -20.56
N ALA A 277 6.33 -21.74 -21.84
CA ALA A 277 4.89 -21.68 -22.13
C ALA A 277 4.25 -22.96 -21.62
N GLU A 278 4.93 -24.11 -21.79
CA GLU A 278 4.44 -25.41 -21.32
C GLU A 278 4.28 -25.39 -19.78
N LEU A 279 5.26 -24.81 -19.07
CA LEU A 279 5.19 -24.73 -17.61
C LEU A 279 4.09 -23.79 -17.12
N ILE A 280 3.98 -22.62 -17.74
CA ILE A 280 2.96 -21.62 -17.40
C ILE A 280 1.57 -22.25 -17.54
N TYR A 281 1.30 -22.93 -18.68
CA TYR A 281 -0.02 -23.52 -18.87
C TYR A 281 -0.26 -24.76 -18.03
N LYS A 282 0.79 -25.54 -17.70
CA LYS A 282 0.58 -26.68 -16.80
C LYS A 282 0.07 -26.09 -15.47
N GLU A 283 0.69 -24.97 -15.01
CA GLU A 283 0.31 -24.33 -13.74
C GLU A 283 -1.10 -23.69 -13.86
N PHE A 284 -1.34 -22.89 -14.91
CA PHE A 284 -2.65 -22.26 -15.14
C PHE A 284 -3.79 -23.29 -15.27
N PHE A 285 -3.56 -24.39 -16.01
CA PHE A 285 -4.60 -25.42 -16.21
C PHE A 285 -4.93 -26.19 -14.91
N SER A 286 -3.95 -26.35 -14.01
CA SER A 286 -4.17 -26.97 -12.68
C SER A 286 -5.06 -26.03 -11.85
N GLN A 287 -4.81 -24.69 -11.89
CA GLN A 287 -5.69 -23.74 -11.21
C GLN A 287 -7.14 -23.86 -11.79
N GLY A 288 -7.27 -23.89 -13.11
CA GLY A 288 -8.56 -24.02 -13.78
C GLY A 288 -9.29 -25.29 -13.37
N ASP A 289 -8.58 -26.44 -13.26
CA ASP A 289 -9.18 -27.73 -12.83
C ASP A 289 -9.68 -27.59 -11.38
N LEU A 290 -8.92 -26.86 -10.56
CA LEU A 290 -9.26 -26.65 -9.16
C LEU A 290 -10.54 -25.77 -9.04
N GLU A 291 -10.66 -24.73 -9.88
CA GLU A 291 -11.86 -23.85 -9.87
C GLU A 291 -13.09 -24.62 -10.32
N LYS A 292 -12.92 -25.52 -11.30
CA LYS A 292 -14.02 -26.37 -11.79
C LYS A 292 -14.49 -27.30 -10.68
N ALA A 293 -13.54 -27.87 -9.89
CA ALA A 293 -13.85 -28.77 -8.75
C ALA A 293 -14.57 -28.01 -7.63
N MET A 294 -14.40 -26.69 -7.56
CA MET A 294 -15.05 -25.82 -6.57
C MET A 294 -16.43 -25.36 -7.07
N GLY A 295 -16.77 -25.69 -8.31
CA GLY A 295 -18.03 -25.36 -8.97
C GLY A 295 -18.04 -23.99 -9.62
N ASN A 296 -16.84 -23.47 -9.96
CA ASN A 296 -16.69 -22.15 -10.60
C ASN A 296 -16.11 -22.29 -11.98
N ARG A 297 -16.46 -21.37 -12.87
CA ARG A 297 -15.96 -21.35 -14.24
C ARG A 297 -14.62 -20.57 -14.28
N PRO A 298 -13.51 -21.22 -14.67
CA PRO A 298 -12.25 -20.47 -14.73
C PRO A 298 -12.18 -19.54 -15.95
N MET A 299 -11.18 -18.62 -15.97
CA MET A 299 -10.85 -17.71 -17.09
C MET A 299 -10.56 -18.67 -18.25
N GLU A 300 -10.82 -18.27 -19.50
CA GLU A 300 -10.54 -19.11 -20.68
C GLU A 300 -9.09 -19.59 -20.73
N MET A 301 -8.13 -18.68 -20.47
CA MET A 301 -6.71 -19.04 -20.49
C MET A 301 -6.30 -20.09 -19.44
N MET A 302 -7.16 -20.32 -18.43
CA MET A 302 -6.89 -21.29 -17.34
CA MET A 302 -6.87 -21.29 -17.37
C MET A 302 -7.68 -22.57 -17.59
N ASP A 303 -8.50 -22.59 -18.65
CA ASP A 303 -9.34 -23.73 -18.96
C ASP A 303 -8.70 -24.55 -20.09
N ARG A 304 -8.22 -25.76 -19.77
CA ARG A 304 -7.56 -26.67 -20.71
C ARG A 304 -8.49 -27.12 -21.88
N GLU A 305 -9.81 -26.88 -21.74
CA GLU A 305 -10.83 -27.21 -22.74
C GLU A 305 -11.17 -25.99 -23.64
N LYS A 306 -10.63 -24.82 -23.33
CA LYS A 306 -10.93 -23.65 -24.13
C LYS A 306 -9.69 -22.94 -24.61
N ALA A 307 -8.63 -22.92 -23.79
CA ALA A 307 -7.40 -22.23 -24.11
C ALA A 307 -6.68 -22.71 -25.38
N TYR A 308 -6.29 -21.77 -26.27
CA TYR A 308 -5.49 -22.09 -27.46
C TYR A 308 -4.20 -21.33 -27.24
N ILE A 309 -3.20 -22.04 -26.76
CA ILE A 309 -1.89 -21.51 -26.34
C ILE A 309 -1.20 -20.59 -27.37
N PRO A 310 -1.01 -20.94 -28.67
CA PRO A 310 -0.34 -19.98 -29.59
C PRO A 310 -1.02 -18.62 -29.63
N GLU A 311 -2.37 -18.58 -29.70
CA GLU A 311 -3.12 -17.31 -29.72
C GLU A 311 -2.96 -16.55 -28.39
N LEU A 312 -3.01 -17.27 -27.27
CA LEU A 312 -2.83 -16.66 -25.94
C LEU A 312 -1.43 -16.10 -25.80
N GLN A 313 -0.41 -16.82 -26.28
CA GLN A 313 0.97 -16.34 -26.21
C GLN A 313 1.21 -15.15 -27.14
N ILE A 314 0.58 -15.12 -28.34
CA ILE A 314 0.71 -13.98 -29.25
C ILE A 314 0.13 -12.72 -28.60
N SER A 315 -1.08 -12.80 -27.95
CA SER A 315 -1.66 -11.63 -27.27
C SER A 315 -0.79 -11.20 -26.10
N PHE A 316 -0.30 -12.16 -25.30
CA PHE A 316 0.59 -11.88 -24.17
C PHE A 316 1.87 -11.18 -24.66
N MET A 317 2.49 -11.69 -25.72
CA MET A 317 3.72 -11.09 -26.25
C MET A 317 3.48 -9.67 -26.76
N GLU A 318 2.39 -9.49 -27.49
CA GLU A 318 1.99 -8.22 -28.09
C GLU A 318 1.58 -7.15 -27.07
N HIS A 319 0.72 -7.52 -26.11
CA HIS A 319 0.20 -6.59 -25.12
C HIS A 319 1.07 -6.41 -23.88
N ILE A 320 1.82 -7.45 -23.46
CA ILE A 320 2.60 -7.35 -22.23
C ILE A 320 4.13 -7.30 -22.42
N ALA A 321 4.77 -8.39 -22.90
CA ALA A 321 6.22 -8.44 -23.02
C ALA A 321 6.84 -7.48 -24.04
N MET A 322 6.36 -7.48 -25.29
CA MET A 322 6.91 -6.59 -26.33
C MET A 322 6.89 -5.10 -25.90
N PRO A 323 5.79 -4.50 -25.38
CA PRO A 323 5.86 -3.07 -24.98
C PRO A 323 6.88 -2.83 -23.87
N ILE A 324 7.02 -3.79 -22.91
CA ILE A 324 8.00 -3.70 -21.83
C ILE A 324 9.44 -3.63 -22.40
N TYR A 325 9.80 -4.55 -23.32
CA TYR A 325 11.15 -4.53 -23.87
C TYR A 325 11.37 -3.33 -24.84
N LYS A 326 10.29 -2.85 -25.50
CA LYS A 326 10.39 -1.66 -26.35
C LYS A 326 10.73 -0.42 -25.48
N LEU A 327 10.14 -0.34 -24.27
CA LEU A 327 10.40 0.75 -23.33
C LEU A 327 11.84 0.69 -22.84
N LEU A 328 12.37 -0.53 -22.59
CA LEU A 328 13.75 -0.74 -22.14
C LEU A 328 14.73 -0.31 -23.26
N GLN A 329 14.39 -0.61 -24.52
CA GLN A 329 15.18 -0.23 -25.70
C GLN A 329 15.23 1.31 -25.82
N ASP A 330 14.11 1.99 -25.56
CA ASP A 330 13.98 3.46 -25.63
C ASP A 330 14.85 4.17 -24.60
N LEU A 331 15.01 3.56 -23.41
CA LEU A 331 15.81 4.10 -22.31
C LEU A 331 17.28 3.67 -22.40
N PHE A 332 17.52 2.45 -22.85
CA PHE A 332 18.87 1.88 -22.99
C PHE A 332 19.08 1.36 -24.41
N PRO A 333 19.90 2.02 -25.27
CA PRO A 333 20.10 1.53 -26.64
C PRO A 333 20.66 0.10 -26.77
N LYS A 334 21.53 -0.32 -25.83
CA LYS A 334 22.15 -1.67 -25.82
C LYS A 334 21.12 -2.79 -25.61
N ALA A 335 19.89 -2.44 -25.17
CA ALA A 335 18.79 -3.40 -24.92
C ALA A 335 17.96 -3.71 -26.17
N ALA A 336 18.34 -3.17 -27.36
CA ALA A 336 17.64 -3.39 -28.63
C ALA A 336 17.54 -4.87 -29.01
N GLU A 337 18.62 -5.65 -28.76
CA GLU A 337 18.68 -7.09 -29.04
C GLU A 337 17.60 -7.89 -28.26
N LEU A 338 17.26 -7.44 -27.04
CA LEU A 338 16.25 -8.05 -26.17
C LEU A 338 14.90 -7.91 -26.80
N TYR A 339 14.54 -6.69 -27.26
CA TYR A 339 13.27 -6.45 -27.93
C TYR A 339 13.20 -7.28 -29.21
N GLU A 340 14.29 -7.29 -30.02
CA GLU A 340 14.29 -8.06 -31.27
C GLU A 340 14.10 -9.55 -31.01
N ARG A 341 14.73 -10.08 -29.94
CA ARG A 341 14.55 -11.48 -29.57
C ARG A 341 13.09 -11.76 -29.15
N VAL A 342 12.45 -10.84 -28.41
CA VAL A 342 11.06 -11.00 -28.00
C VAL A 342 10.13 -10.97 -29.24
N ALA A 343 10.37 -10.01 -30.18
CA ALA A 343 9.59 -9.88 -31.44
C ALA A 343 9.73 -11.17 -32.22
N SER A 344 10.95 -11.71 -32.31
CA SER A 344 11.28 -12.97 -32.99
C SER A 344 10.48 -14.15 -32.39
N ASN A 345 10.42 -14.27 -31.05
CA ASN A 345 9.68 -15.36 -30.39
C ASN A 345 8.18 -15.23 -30.62
N ARG A 346 7.68 -13.99 -30.76
CA ARG A 346 6.28 -13.77 -31.06
C ARG A 346 6.00 -14.27 -32.48
N GLU A 347 6.92 -13.99 -33.44
CA GLU A 347 6.76 -14.45 -34.84
C GLU A 347 6.77 -15.98 -34.92
N HIS A 348 7.54 -16.64 -34.06
CA HIS A 348 7.62 -18.11 -33.97
C HIS A 348 6.27 -18.74 -33.61
N TRP A 349 5.50 -18.11 -32.67
CA TRP A 349 4.18 -18.58 -32.27
C TRP A 349 3.23 -18.60 -33.45
N THR A 350 3.33 -17.59 -34.36
CA THR A 350 2.51 -17.54 -35.58
C THR A 350 2.81 -18.75 -36.48
N LYS A 351 4.10 -19.05 -36.72
CA LYS A 351 4.55 -20.18 -37.53
C LYS A 351 4.16 -21.54 -36.96
N VAL A 352 4.28 -21.75 -35.63
CA VAL A 352 3.94 -23.05 -35.03
C VAL A 352 2.42 -23.27 -34.92
N SER A 353 1.61 -22.19 -34.95
CA SER A 353 0.14 -22.32 -34.85
C SER A 353 -0.49 -23.24 -35.94
N HIS A 354 0.23 -23.46 -37.08
CA HIS A 354 -0.22 -24.35 -38.16
C HIS A 354 -0.09 -25.82 -37.72
N LYS A 355 0.95 -26.12 -36.92
CA LYS A 355 1.25 -27.46 -36.40
C LYS A 355 0.57 -27.76 -35.05
N PHE A 356 0.10 -26.71 -34.34
CA PHE A 356 -0.56 -26.82 -33.04
C PHE A 356 -2.03 -26.57 -33.33
N THR A 357 -2.81 -27.63 -33.49
CA THR A 357 -4.22 -27.50 -33.87
C THR A 357 -5.20 -27.97 -32.78
N ILE A 358 -4.76 -27.99 -31.52
CA ILE A 358 -5.60 -28.44 -30.39
C ILE A 358 -5.70 -27.38 -29.30
N ARG A 359 -6.77 -27.47 -28.48
CA ARG A 359 -6.95 -26.59 -27.34
C ARG A 359 -6.17 -27.28 -26.19
N GLY A 360 -5.68 -26.49 -25.23
CA GLY A 360 -4.94 -27.03 -24.10
C GLY A 360 -3.57 -27.54 -24.50
N LEU A 361 -3.10 -28.57 -23.79
CA LEU A 361 -1.82 -29.22 -24.02
C LEU A 361 -2.06 -30.66 -24.46
N PRO A 362 -1.11 -31.32 -25.16
CA PRO A 362 -1.31 -32.75 -25.50
C PRO A 362 -1.35 -33.59 -24.22
N SER A 363 -1.79 -34.86 -24.31
CA SER A 363 -1.88 -35.78 -23.16
C SER A 363 -0.60 -35.87 -22.31
N ASN A 364 0.60 -35.75 -22.92
CA ASN A 364 1.87 -35.83 -22.20
C ASN A 364 2.35 -34.50 -21.60
N ASN A 365 1.49 -33.43 -21.65
CA ASN A 365 1.80 -32.07 -21.16
C ASN A 365 3.07 -31.47 -21.76
N SER A 366 3.50 -31.96 -22.93
CA SER A 366 4.72 -31.47 -23.56
C SER A 366 4.48 -30.82 -24.90
N LEU A 367 5.31 -29.81 -25.21
CA LEU A 367 5.25 -29.08 -26.47
C LEU A 367 6.42 -29.45 -27.38
N ASP A 368 7.16 -30.54 -27.04
CA ASP A 368 8.31 -31.05 -27.81
C ASP A 368 7.99 -31.32 -29.29
N PHE A 369 6.74 -31.79 -29.58
CA PHE A 369 6.25 -32.08 -30.94
C PHE A 369 6.43 -30.92 -31.92
N LEU A 370 6.51 -29.67 -31.41
CA LEU A 370 6.69 -28.44 -32.20
C LEU A 370 8.13 -28.27 -32.71
N SER B 17 -9.30 34.08 -3.81
CA SER B 17 -8.38 33.95 -2.68
C SER B 17 -8.89 32.96 -1.64
N THR B 18 -10.20 32.63 -1.70
CA THR B 18 -10.90 31.72 -0.78
C THR B 18 -10.30 30.30 -0.78
N SER B 19 -9.53 29.94 -1.84
CA SER B 19 -8.87 28.64 -1.96
C SER B 19 -7.38 28.65 -1.52
N LEU B 20 -6.89 29.79 -0.99
CA LEU B 20 -5.52 29.88 -0.52
C LEU B 20 -5.42 29.49 0.97
N TYR B 21 -4.87 28.30 1.24
CA TYR B 21 -4.70 27.73 2.59
C TYR B 21 -3.22 27.55 2.83
N LYS B 22 -2.69 28.29 3.79
CA LYS B 22 -1.28 28.33 4.10
C LYS B 22 -0.80 27.28 5.07
N LYS B 23 0.52 26.98 5.01
CA LYS B 23 1.26 26.10 5.92
C LYS B 23 1.99 27.10 6.83
N ALA B 24 1.97 26.88 8.16
CA ALA B 24 2.60 27.79 9.12
C ALA B 24 4.13 27.77 9.06
N GLY B 25 4.68 26.63 8.69
CA GLY B 25 6.12 26.42 8.58
C GLY B 25 6.47 25.49 7.43
N PHE B 26 7.69 24.93 7.50
CA PHE B 26 8.22 24.01 6.51
C PHE B 26 8.21 22.57 7.07
N ASP B 27 8.14 21.57 6.17
CA ASP B 27 8.13 20.14 6.53
C ASP B 27 9.54 19.61 6.78
N GLU B 35 6.11 27.63 22.22
CA GLU B 35 5.08 26.59 22.25
C GLU B 35 5.61 25.31 22.89
N TYR B 36 6.86 24.93 22.55
CA TYR B 36 7.53 23.72 23.04
C TYR B 36 7.93 23.78 24.50
N THR B 37 8.59 24.89 24.92
CA THR B 37 9.06 25.07 26.30
C THR B 37 7.91 24.99 27.29
N LYS B 38 6.82 25.73 27.01
CA LYS B 38 5.61 25.77 27.83
C LYS B 38 4.93 24.42 27.94
N LEU B 39 4.99 23.61 26.87
CA LEU B 39 4.38 22.28 26.79
C LEU B 39 4.87 21.29 27.87
N LEU B 40 6.13 21.37 28.31
CA LEU B 40 6.60 20.44 29.35
C LEU B 40 7.02 21.13 30.66
N HIS B 41 6.70 22.43 30.81
CA HIS B 41 7.02 23.22 32.00
C HIS B 41 6.30 22.72 33.26
N ASP B 42 4.95 22.62 33.22
CA ASP B 42 4.14 22.17 34.36
C ASP B 42 3.78 20.67 34.32
N GLY B 43 4.45 19.92 33.45
CA GLY B 43 4.23 18.49 33.28
C GLY B 43 2.93 18.21 32.54
N ILE B 44 2.51 16.93 32.50
CA ILE B 44 1.28 16.51 31.82
C ILE B 44 0.09 16.66 32.77
N GLN B 45 -0.97 17.33 32.30
CA GLN B 45 -2.19 17.60 33.06
C GLN B 45 -3.16 16.41 33.14
N PRO B 46 -3.71 16.06 34.33
CA PRO B 46 -4.72 14.98 34.37
C PRO B 46 -5.95 15.44 33.54
N VAL B 47 -6.60 14.52 32.79
CA VAL B 47 -7.75 14.87 31.93
C VAL B 47 -8.90 15.59 32.70
N ALA B 48 -9.23 15.15 33.94
CA ALA B 48 -10.28 15.80 34.75
C ALA B 48 -9.97 17.28 35.03
N ALA B 49 -8.67 17.68 35.07
CA ALA B 49 -8.30 19.09 35.27
C ALA B 49 -8.57 19.91 33.98
N ILE B 50 -8.62 19.24 32.82
CA ILE B 50 -8.92 19.95 31.55
C ILE B 50 -10.42 20.30 31.60
N ASP B 51 -11.24 19.28 31.87
CA ASP B 51 -12.69 19.43 31.99
C ASP B 51 -13.24 18.18 32.69
N SER B 52 -14.18 18.36 33.65
CA SER B 52 -14.78 17.22 34.33
C SER B 52 -15.55 16.31 33.34
N ASN B 53 -16.00 16.87 32.20
CA ASN B 53 -16.77 16.13 31.18
C ASN B 53 -15.89 15.62 30.00
N PHE B 54 -14.56 15.70 30.13
CA PHE B 54 -13.60 15.36 29.07
C PHE B 54 -13.71 13.94 28.51
N ALA B 55 -14.12 12.96 29.35
CA ALA B 55 -14.22 11.55 28.94
C ALA B 55 -15.64 11.16 28.54
N SER B 56 -16.51 12.14 28.33
CA SER B 56 -17.90 11.88 27.96
C SER B 56 -18.21 12.15 26.48
N PHE B 57 -19.19 11.41 25.95
CA PHE B 57 -19.68 11.56 24.58
C PHE B 57 -20.35 12.91 24.38
N THR B 58 -20.71 13.62 25.47
CA THR B 58 -21.34 14.95 25.37
C THR B 58 -20.28 16.05 25.30
N TYR B 59 -18.99 15.68 25.48
CA TYR B 59 -17.93 16.69 25.37
C TYR B 59 -17.75 17.12 23.93
N THR B 60 -17.53 18.43 23.71
CA THR B 60 -17.30 18.93 22.36
C THR B 60 -15.84 19.38 22.31
N PRO B 61 -14.91 18.54 21.77
CA PRO B 61 -13.47 18.92 21.74
C PRO B 61 -13.17 20.23 21.01
N ARG B 62 -14.05 20.62 20.07
CA ARG B 62 -13.91 21.87 19.33
C ARG B 62 -14.05 23.11 20.21
N SER B 63 -14.57 22.95 21.44
N SER B 63 -14.58 22.95 21.45
CA SER B 63 -14.72 24.07 22.39
CA SER B 63 -14.74 24.05 22.40
C SER B 63 -13.39 24.36 23.09
C SER B 63 -13.40 24.34 23.12
N LEU B 64 -12.47 23.38 23.11
CA LEU B 64 -11.15 23.57 23.75
C LEU B 64 -10.29 24.60 22.99
N PRO B 65 -9.71 25.61 23.67
CA PRO B 65 -8.88 26.59 22.93
C PRO B 65 -7.75 25.88 22.19
N GLU B 66 -7.48 26.32 20.95
CA GLU B 66 -6.47 25.72 20.09
C GLU B 66 -5.09 25.62 20.75
N ASP B 67 -4.68 26.63 21.51
CA ASP B 67 -3.38 26.61 22.21
C ASP B 67 -3.32 25.52 23.34
N ASP B 68 -4.47 24.94 23.76
CA ASP B 68 -4.49 23.88 24.81
C ASP B 68 -4.58 22.47 24.20
N THR B 69 -4.73 22.38 22.87
CA THR B 69 -4.90 21.08 22.21
C THR B 69 -3.69 20.16 22.31
N SER B 70 -2.45 20.69 22.15
CA SER B 70 -1.22 19.87 22.23
C SER B 70 -1.11 19.21 23.60
N MET B 71 -1.39 19.97 24.69
N MET B 71 -1.42 19.99 24.66
CA MET B 71 -1.36 19.40 26.04
CA MET B 71 -1.43 19.57 26.06
C MET B 71 -2.49 18.37 26.19
C MET B 71 -2.50 18.48 26.25
N ALA B 72 -3.68 18.64 25.62
CA ALA B 72 -4.80 17.68 25.71
C ALA B 72 -4.40 16.36 25.03
N ILE B 73 -3.63 16.43 23.92
CA ILE B 73 -3.16 15.19 23.26
C ILE B 73 -2.30 14.39 24.27
N LEU B 74 -1.28 15.02 24.88
CA LEU B 74 -0.41 14.34 25.87
C LEU B 74 -1.22 13.79 27.04
N SER B 75 -2.22 14.57 27.53
CA SER B 75 -3.08 14.12 28.65
C SER B 75 -3.83 12.87 28.31
N MET B 76 -4.34 12.78 27.06
CA MET B 76 -5.10 11.61 26.60
C MET B 76 -4.20 10.39 26.52
N LEU B 77 -3.01 10.56 25.95
CA LEU B 77 -2.01 9.49 25.81
C LEU B 77 -1.60 9.02 27.19
N GLN B 78 -1.42 9.97 28.14
CA GLN B 78 -1.09 9.63 29.52
C GLN B 78 -2.28 8.87 30.16
N ASP B 79 -3.51 9.35 29.98
CA ASP B 79 -4.68 8.73 30.57
C ASP B 79 -4.94 7.31 30.04
N MET B 80 -4.55 7.04 28.80
CA MET B 80 -4.73 5.71 28.22
C MET B 80 -3.53 4.82 28.60
N ASN B 81 -2.60 5.36 29.42
CA ASN B 81 -1.35 4.74 29.92
C ASN B 81 -0.34 4.35 28.80
N PHE B 82 -0.44 4.96 27.59
CA PHE B 82 0.51 4.66 26.50
C PHE B 82 1.91 5.16 26.76
N ILE B 83 2.02 6.32 27.39
CA ILE B 83 3.31 6.93 27.69
C ILE B 83 4.13 6.00 28.59
N ASN B 84 3.53 5.52 29.69
CA ASN B 84 4.15 4.61 30.64
C ASN B 84 4.37 3.24 30.03
N ASN B 85 3.32 2.58 29.51
CA ASN B 85 3.42 1.24 28.95
C ASN B 85 4.41 1.12 27.78
N TYR B 86 4.51 2.14 26.90
CA TYR B 86 5.46 2.06 25.79
C TYR B 86 6.78 2.79 26.03
N LYS B 87 6.98 3.35 27.23
CA LYS B 87 8.17 4.07 27.68
C LYS B 87 8.49 5.22 26.71
N ILE B 88 7.43 5.98 26.30
CA ILE B 88 7.57 7.08 25.36
C ILE B 88 8.34 8.22 26.02
N ASP B 89 9.33 8.78 25.33
CA ASP B 89 10.10 9.91 25.83
C ASP B 89 9.21 11.16 25.70
N CYS B 90 8.85 11.80 26.83
CA CYS B 90 7.98 12.98 26.83
C CYS B 90 8.49 14.14 25.97
N PRO B 91 9.79 14.57 25.98
CA PRO B 91 10.22 15.63 25.06
C PRO B 91 10.01 15.28 23.58
N THR B 92 10.25 14.01 23.18
CA THR B 92 10.06 13.53 21.80
C THR B 92 8.57 13.56 21.45
N LEU B 93 7.71 13.14 22.39
CA LEU B 93 6.26 13.15 22.19
C LEU B 93 5.74 14.58 22.06
N ALA B 94 6.27 15.52 22.89
CA ALA B 94 5.86 16.92 22.83
C ALA B 94 6.27 17.51 21.44
N ARG B 95 7.50 17.20 20.96
CA ARG B 95 7.94 17.67 19.64
C ARG B 95 7.10 17.05 18.53
N PHE B 96 6.80 15.74 18.63
CA PHE B 96 5.97 15.04 17.64
C PHE B 96 4.59 15.70 17.51
N CYS B 97 3.93 15.99 18.65
N CYS B 97 3.93 16.00 18.66
CA CYS B 97 2.61 16.64 18.71
CA CYS B 97 2.62 16.65 18.67
C CYS B 97 2.59 18.01 18.04
C CYS B 97 2.62 18.00 17.97
N LEU B 98 3.62 18.84 18.29
CA LEU B 98 3.74 20.19 17.69
C LEU B 98 4.00 20.09 16.19
N MET B 99 4.78 19.09 15.74
CA MET B 99 5.04 18.88 14.32
C MET B 99 3.72 18.52 13.60
N VAL B 100 2.94 17.62 14.22
CA VAL B 100 1.66 17.16 13.66
C VAL B 100 0.74 18.37 13.53
N LYS B 101 0.60 19.16 14.61
CA LYS B 101 -0.24 20.34 14.63
C LYS B 101 0.20 21.33 13.52
N LYS B 102 1.52 21.59 13.39
CA LYS B 102 2.07 22.48 12.37
C LYS B 102 1.94 21.88 10.93
N GLY B 103 1.70 20.57 10.82
CA GLY B 103 1.56 19.91 9.51
C GLY B 103 0.20 20.11 8.83
N TYR B 104 -0.73 20.80 9.50
CA TYR B 104 -2.08 21.05 8.93
C TYR B 104 -2.16 22.46 8.39
N ARG B 105 -2.86 22.62 7.26
CA ARG B 105 -3.09 23.94 6.66
C ARG B 105 -4.33 24.52 7.32
N ASP B 106 -4.79 25.68 6.86
CA ASP B 106 -5.96 26.30 7.45
C ASP B 106 -7.22 26.34 6.53
N PRO B 107 -7.68 25.23 5.88
CA PRO B 107 -8.94 25.33 5.13
C PRO B 107 -10.09 25.38 6.15
N PRO B 108 -11.33 25.74 5.78
CA PRO B 108 -12.39 25.84 6.81
C PRO B 108 -12.64 24.56 7.61
N TYR B 109 -12.56 23.39 6.97
CA TYR B 109 -12.82 22.13 7.70
C TYR B 109 -11.58 21.28 8.00
N HIS B 110 -10.77 20.93 7.00
CA HIS B 110 -9.63 20.01 7.19
C HIS B 110 -8.35 20.68 7.74
N ASN B 111 -8.45 21.17 8.97
CA ASN B 111 -7.39 21.86 9.67
C ASN B 111 -7.07 21.06 10.92
N TRP B 112 -6.14 21.56 11.75
CA TRP B 112 -5.75 20.86 12.98
C TRP B 112 -6.92 20.58 13.96
N MET B 113 -7.88 21.55 14.12
CA MET B 113 -9.03 21.34 15.03
C MET B 113 -9.85 20.12 14.65
N HIS B 114 -9.92 19.81 13.36
CA HIS B 114 -10.63 18.60 12.92
C HIS B 114 -9.79 17.38 13.36
N ALA B 115 -8.45 17.37 13.09
CA ALA B 115 -7.65 16.19 13.52
C ALA B 115 -7.70 16.01 15.06
N PHE B 116 -7.66 17.12 15.80
CA PHE B 116 -7.75 17.06 17.27
C PHE B 116 -9.09 16.44 17.73
N SER B 117 -10.23 16.88 17.14
N SER B 117 -10.22 16.85 17.13
CA SER B 117 -11.56 16.39 17.48
CA SER B 117 -11.55 16.35 17.48
C SER B 117 -11.70 14.91 17.16
C SER B 117 -11.67 14.89 17.18
N VAL B 118 -11.08 14.47 16.05
CA VAL B 118 -11.08 13.05 15.63
C VAL B 118 -10.30 12.23 16.68
N SER B 119 -9.11 12.72 17.11
CA SER B 119 -8.25 12.05 18.13
C SER B 119 -9.01 11.96 19.46
N HIS B 120 -9.75 13.03 19.82
CA HIS B 120 -10.51 13.04 21.08
C HIS B 120 -11.57 11.95 21.04
N PHE B 121 -12.24 11.80 19.90
CA PHE B 121 -13.25 10.74 19.77
C PHE B 121 -12.63 9.35 19.94
N CYS B 122 -11.42 9.16 19.39
CA CYS B 122 -10.71 7.88 19.56
C CYS B 122 -10.54 7.60 21.07
N TYR B 123 -10.13 8.63 21.81
CA TYR B 123 -9.95 8.58 23.25
C TYR B 123 -11.32 8.26 23.92
N LEU B 124 -12.44 8.87 23.44
CA LEU B 124 -13.76 8.56 24.00
C LEU B 124 -14.14 7.08 23.79
N LEU B 125 -13.84 6.52 22.62
CA LEU B 125 -14.12 5.11 22.29
C LEU B 125 -13.35 4.22 23.26
N TYR B 126 -12.07 4.54 23.49
CA TYR B 126 -11.23 3.83 24.45
C TYR B 126 -11.86 3.85 25.82
N LYS B 127 -12.23 5.05 26.33
CA LYS B 127 -12.84 5.21 27.67
C LYS B 127 -14.25 4.63 27.84
N ASN B 128 -15.09 4.73 26.83
CA ASN B 128 -16.48 4.30 26.94
C ASN B 128 -16.84 2.92 26.42
N LEU B 129 -16.12 2.42 25.42
CA LEU B 129 -16.40 1.11 24.82
C LEU B 129 -15.49 0.01 25.34
N GLU B 130 -14.48 0.33 26.16
CA GLU B 130 -13.55 -0.66 26.71
C GLU B 130 -12.90 -1.46 25.54
N LEU B 131 -12.23 -0.71 24.64
CA LEU B 131 -11.55 -1.25 23.46
C LEU B 131 -10.49 -2.29 23.76
N THR B 132 -9.84 -2.24 24.95
CA THR B 132 -8.80 -3.21 25.38
C THR B 132 -9.30 -4.69 25.40
N ASN B 133 -10.64 -4.89 25.38
CA ASN B 133 -11.29 -6.21 25.34
C ASN B 133 -11.51 -6.70 23.90
N TYR B 134 -11.26 -5.82 22.91
CA TYR B 134 -11.47 -6.12 21.48
C TYR B 134 -10.17 -6.03 20.69
N LEU B 135 -9.31 -5.07 21.01
CA LEU B 135 -8.05 -4.86 20.28
C LEU B 135 -6.83 -4.92 21.16
N GLU B 136 -5.68 -5.18 20.51
CA GLU B 136 -4.36 -5.22 21.18
C GLU B 136 -3.97 -3.79 21.50
N ASP B 137 -3.16 -3.58 22.54
CA ASP B 137 -2.70 -2.24 22.93
C ASP B 137 -2.04 -1.48 21.78
N ILE B 138 -1.20 -2.19 20.98
CA ILE B 138 -0.48 -1.59 19.86
C ILE B 138 -1.46 -1.09 18.77
N GLU B 139 -2.60 -1.78 18.58
CA GLU B 139 -3.61 -1.39 17.59
C GLU B 139 -4.34 -0.10 18.02
N ILE B 140 -4.67 0.01 19.31
CA ILE B 140 -5.34 1.20 19.87
C ILE B 140 -4.39 2.39 19.77
N PHE B 141 -3.12 2.15 20.09
CA PHE B 141 -2.09 3.19 20.02
C PHE B 141 -1.95 3.72 18.59
N ALA B 142 -1.86 2.83 17.61
CA ALA B 142 -1.73 3.21 16.20
C ALA B 142 -3.00 3.94 15.74
N LEU B 143 -4.17 3.52 16.26
CA LEU B 143 -5.43 4.19 15.91
C LEU B 143 -5.40 5.68 16.34
N PHE B 144 -4.99 5.95 17.58
CA PHE B 144 -4.90 7.31 18.14
C PHE B 144 -3.91 8.17 17.38
N ILE B 145 -2.70 7.63 17.16
CA ILE B 145 -1.66 8.32 16.39
C ILE B 145 -2.15 8.59 14.99
N SER B 146 -2.83 7.62 14.36
CA SER B 146 -3.36 7.79 13.01
C SER B 146 -4.43 8.87 12.98
N CYS B 147 -5.25 8.98 14.03
CA CYS B 147 -6.32 10.01 14.13
C CYS B 147 -5.68 11.40 14.06
N MET B 148 -4.57 11.58 14.78
CA MET B 148 -3.85 12.87 14.80
C MET B 148 -3.28 13.23 13.41
N CYS B 149 -2.76 12.23 12.68
CA CYS B 149 -2.11 12.37 11.37
C CYS B 149 -2.98 12.20 10.13
N HIS B 150 -4.20 11.67 10.24
CA HIS B 150 -5.04 11.18 9.14
C HIS B 150 -5.36 12.17 8.01
N ASP B 151 -5.32 13.50 8.23
CA ASP B 151 -5.57 14.48 7.15
C ASP B 151 -4.40 15.45 6.98
N LEU B 152 -3.19 15.07 7.42
CA LEU B 152 -2.00 15.95 7.36
C LEU B 152 -1.81 16.62 6.01
N ASP B 153 -1.61 17.94 6.01
CA ASP B 153 -1.34 18.73 4.81
C ASP B 153 -2.49 18.70 3.78
N HIS B 154 -3.74 18.60 4.27
CA HIS B 154 -4.91 18.59 3.42
C HIS B 154 -4.98 19.96 2.73
N ARG B 155 -5.36 19.98 1.47
CA ARG B 155 -5.42 21.20 0.66
C ARG B 155 -6.83 21.79 0.49
N GLY B 156 -7.81 21.25 1.19
CA GLY B 156 -9.18 21.73 1.08
C GLY B 156 -9.84 21.22 -0.20
N THR B 157 -9.26 20.19 -0.83
CA THR B 157 -9.83 19.62 -2.04
C THR B 157 -9.95 18.12 -1.91
N ASN B 158 -10.77 17.48 -2.76
CA ASN B 158 -10.94 16.04 -2.74
C ASN B 158 -9.90 15.39 -3.67
N ASN B 159 -9.91 14.06 -3.77
CA ASN B 159 -8.99 13.32 -4.64
C ASN B 159 -9.17 13.62 -6.13
N SER B 160 -10.43 13.75 -6.62
CA SER B 160 -10.76 14.06 -8.03
C SER B 160 -10.09 15.37 -8.47
N PHE B 161 -10.12 16.42 -7.61
CA PHE B 161 -9.47 17.67 -7.92
C PHE B 161 -7.97 17.47 -8.18
N GLN B 162 -7.29 16.67 -7.32
CA GLN B 162 -5.86 16.41 -7.51
C GLN B 162 -5.58 15.88 -8.94
N VAL B 163 -6.33 14.86 -9.36
CA VAL B 163 -6.21 14.24 -10.69
C VAL B 163 -6.47 15.29 -11.80
N ALA B 164 -7.63 16.01 -11.74
CA ALA B 164 -8.01 17.04 -12.73
C ALA B 164 -7.03 18.21 -12.85
N SER B 165 -6.49 18.69 -11.71
CA SER B 165 -5.54 19.80 -11.68
C SER B 165 -4.11 19.34 -12.05
N LYS B 166 -3.92 18.01 -12.23
CA LYS B 166 -2.63 17.40 -12.57
C LYS B 166 -1.55 17.81 -11.55
N SER B 167 -1.86 17.68 -10.26
CA SER B 167 -0.94 18.06 -9.18
C SER B 167 0.21 17.05 -9.01
N VAL B 168 1.23 17.42 -8.21
CA VAL B 168 2.38 16.58 -7.86
C VAL B 168 1.87 15.35 -7.11
N LEU B 169 0.86 15.54 -6.23
CA LEU B 169 0.30 14.41 -5.47
C LEU B 169 -0.35 13.40 -6.38
N ALA B 170 -1.07 13.86 -7.41
CA ALA B 170 -1.69 12.94 -8.36
C ALA B 170 -0.59 12.21 -9.16
N ALA B 171 0.50 12.90 -9.52
CA ALA B 171 1.61 12.29 -10.26
C ALA B 171 2.28 11.16 -9.44
N LEU B 172 2.38 11.35 -8.13
CA LEU B 172 2.98 10.36 -7.24
C LEU B 172 2.03 9.20 -6.92
N TYR B 173 0.70 9.48 -6.73
CA TYR B 173 -0.25 8.46 -6.26
C TYR B 173 -1.51 8.12 -7.06
N SER B 174 -1.91 8.90 -8.09
CA SER B 174 -3.18 8.64 -8.82
C SER B 174 -3.41 7.23 -9.30
N SER B 175 -2.35 6.54 -9.79
CA SER B 175 -2.47 5.17 -10.28
C SER B 175 -2.95 4.21 -9.19
N GLU B 176 -2.57 4.45 -7.91
CA GLU B 176 -2.98 3.58 -6.81
C GLU B 176 -4.25 4.03 -6.05
N GLY B 177 -4.80 5.19 -6.43
CA GLY B 177 -6.00 5.72 -5.77
C GLY B 177 -5.69 6.22 -4.37
N SER B 178 -6.69 6.81 -3.70
CA SER B 178 -6.58 7.39 -2.34
C SER B 178 -5.43 8.38 -2.31
N VAL B 179 -5.34 9.24 -3.35
CA VAL B 179 -4.28 10.26 -3.50
C VAL B 179 -4.00 11.03 -2.20
N MET B 180 -5.01 11.76 -1.65
CA MET B 180 -4.77 12.52 -0.41
C MET B 180 -4.36 11.65 0.76
N GLU B 181 -5.01 10.48 0.94
CA GLU B 181 -4.75 9.56 2.05
C GLU B 181 -3.32 9.03 2.03
N ARG B 182 -2.79 8.74 0.83
CA ARG B 182 -1.40 8.27 0.67
C ARG B 182 -0.46 9.42 1.01
N HIS B 183 -0.84 10.66 0.62
CA HIS B 183 -0.04 11.82 0.97
C HIS B 183 -0.04 12.06 2.49
N HIS B 184 -1.24 11.91 3.17
CA HIS B 184 -1.31 12.11 4.65
C HIS B 184 -0.36 11.14 5.37
N PHE B 185 -0.32 9.88 4.92
CA PHE B 185 0.55 8.85 5.50
C PHE B 185 2.02 9.22 5.26
N ALA B 186 2.37 9.66 4.04
CA ALA B 186 3.74 10.09 3.68
C ALA B 186 4.18 11.24 4.57
N GLN B 187 3.27 12.20 4.83
CA GLN B 187 3.55 13.32 5.72
C GLN B 187 3.77 12.85 7.17
N ALA B 188 2.99 11.84 7.65
CA ALA B 188 3.14 11.30 9.01
C ALA B 188 4.55 10.68 9.18
N ILE B 189 5.01 9.93 8.14
CA ILE B 189 6.33 9.28 8.09
C ILE B 189 7.45 10.33 8.06
N ALA B 190 7.24 11.44 7.31
CA ALA B 190 8.24 12.50 7.23
C ALA B 190 8.41 13.12 8.60
N ILE B 191 7.32 13.22 9.39
CA ILE B 191 7.41 13.78 10.74
C ILE B 191 8.21 12.81 11.62
N LEU B 192 7.93 11.51 11.52
CA LEU B 192 8.66 10.50 12.31
C LEU B 192 10.15 10.51 11.97
N ASN B 193 10.49 10.79 10.70
CA ASN B 193 11.88 10.86 10.24
C ASN B 193 12.57 12.19 10.56
N THR B 194 11.87 13.11 11.25
CA THR B 194 12.45 14.39 11.63
C THR B 194 13.21 14.17 12.93
N HIS B 195 14.41 14.74 13.01
CA HIS B 195 15.27 14.65 14.19
C HIS B 195 14.53 15.08 15.47
N GLY B 196 14.46 14.16 16.42
CA GLY B 196 13.83 14.36 17.71
C GLY B 196 12.33 14.16 17.77
N CYS B 197 11.70 13.62 16.71
CA CYS B 197 10.24 13.39 16.66
C CYS B 197 9.84 11.93 16.55
N ASN B 198 10.82 11.01 16.50
CA ASN B 198 10.49 9.60 16.38
C ASN B 198 10.14 8.96 17.72
N ILE B 199 8.85 9.04 18.06
CA ILE B 199 8.27 8.50 19.28
C ILE B 199 8.40 6.98 19.40
N PHE B 200 8.53 6.26 18.27
CA PHE B 200 8.66 4.79 18.24
C PHE B 200 10.07 4.26 17.93
N ASP B 201 11.09 5.11 17.84
CA ASP B 201 12.41 4.62 17.42
C ASP B 201 13.11 3.59 18.38
N HIS B 202 12.56 3.36 19.59
CA HIS B 202 13.11 2.37 20.55
C HIS B 202 12.40 0.99 20.42
N PHE B 203 11.34 0.95 19.58
CA PHE B 203 10.57 -0.28 19.36
C PHE B 203 11.47 -1.26 18.60
N SER B 204 11.21 -2.56 18.75
CA SER B 204 11.96 -3.59 18.02
C SER B 204 11.67 -3.45 16.51
N ARG B 205 12.47 -4.09 15.63
CA ARG B 205 12.22 -4.03 14.18
C ARG B 205 10.84 -4.54 13.83
N LYS B 206 10.39 -5.62 14.50
CA LYS B 206 9.06 -6.20 14.29
C LYS B 206 7.91 -5.24 14.69
N ASP B 207 7.99 -4.65 15.90
CA ASP B 207 7.00 -3.71 16.44
C ASP B 207 6.98 -2.39 15.67
N TYR B 208 8.15 -1.94 15.22
CA TYR B 208 8.26 -0.69 14.44
C TYR B 208 7.54 -0.89 13.10
N GLN B 209 7.76 -2.07 12.46
CA GLN B 209 7.13 -2.42 11.17
C GLN B 209 5.62 -2.56 11.34
N ARG B 210 5.17 -3.18 12.45
CA ARG B 210 3.76 -3.38 12.76
C ARG B 210 3.09 -1.98 12.91
N MET B 211 3.76 -1.03 13.58
CA MET B 211 3.25 0.34 13.79
C MET B 211 3.05 1.07 12.45
N LEU B 212 4.05 0.99 11.57
CA LEU B 212 4.03 1.62 10.24
C LEU B 212 2.90 1.04 9.42
N ASP B 213 2.76 -0.31 9.43
CA ASP B 213 1.73 -1.03 8.70
C ASP B 213 0.34 -0.66 9.20
N LEU B 214 0.18 -0.53 10.52
CA LEU B 214 -1.10 -0.17 11.13
C LEU B 214 -1.47 1.24 10.72
N MET B 215 -0.54 2.18 10.85
CA MET B 215 -0.79 3.58 10.48
C MET B 215 -1.14 3.71 9.00
N ARG B 216 -0.46 2.91 8.12
CA ARG B 216 -0.74 2.91 6.68
C ARG B 216 -2.19 2.49 6.43
N ASP B 217 -2.56 1.33 6.97
CA ASP B 217 -3.90 0.76 6.82
C ASP B 217 -4.99 1.64 7.38
N ILE B 218 -4.78 2.20 8.57
CA ILE B 218 -5.79 3.04 9.23
C ILE B 218 -6.01 4.34 8.47
N ILE B 219 -4.92 5.05 8.12
CA ILE B 219 -5.02 6.31 7.36
C ILE B 219 -5.70 6.04 6.01
N LEU B 220 -5.33 4.96 5.31
CA LEU B 220 -5.96 4.61 4.02
C LEU B 220 -7.45 4.28 4.15
N ALA B 221 -7.90 3.77 5.32
CA ALA B 221 -9.32 3.46 5.58
C ALA B 221 -10.18 4.73 5.70
N THR B 222 -9.54 5.94 5.70
CA THR B 222 -10.29 7.22 5.78
C THR B 222 -10.81 7.63 4.39
N ASP B 223 -10.39 6.90 3.33
CA ASP B 223 -10.87 7.15 1.97
C ASP B 223 -12.23 6.47 1.92
N LEU B 224 -13.27 7.25 1.63
CA LEU B 224 -14.65 6.73 1.53
C LEU B 224 -14.77 5.56 0.54
N ALA B 225 -14.01 5.60 -0.57
CA ALA B 225 -14.02 4.50 -1.55
C ALA B 225 -13.56 3.17 -0.90
N HIS B 226 -12.60 3.22 0.05
CA HIS B 226 -12.13 2.04 0.76
C HIS B 226 -13.26 1.53 1.69
N HIS B 227 -13.89 2.45 2.45
CA HIS B 227 -14.99 2.12 3.35
C HIS B 227 -16.10 1.40 2.56
N LEU B 228 -16.44 1.91 1.37
CA LEU B 228 -17.46 1.30 0.51
C LEU B 228 -17.07 -0.09 0.01
N ARG B 229 -15.76 -0.33 -0.26
CA ARG B 229 -15.29 -1.64 -0.71
C ARG B 229 -15.36 -2.71 0.40
N ILE B 230 -15.11 -2.31 1.67
CA ILE B 230 -15.12 -3.25 2.79
C ILE B 230 -16.46 -3.32 3.53
N PHE B 231 -17.44 -2.47 3.15
CA PHE B 231 -18.75 -2.38 3.82
C PHE B 231 -19.46 -3.73 4.03
N LYS B 232 -19.50 -4.59 2.99
CA LYS B 232 -20.16 -5.89 3.07
C LYS B 232 -19.48 -6.78 4.11
N ASP B 233 -18.12 -6.69 4.23
CA ASP B 233 -17.33 -7.45 5.21
C ASP B 233 -17.60 -6.93 6.62
N LEU B 234 -17.80 -5.59 6.75
CA LEU B 234 -18.09 -5.02 8.08
C LEU B 234 -19.46 -5.56 8.50
N GLN B 235 -20.43 -5.58 7.55
CA GLN B 235 -21.78 -6.10 7.85
C GLN B 235 -21.71 -7.57 8.28
N LYS B 236 -20.95 -8.40 7.52
CA LYS B 236 -20.76 -9.83 7.80
C LYS B 236 -20.20 -10.00 9.22
N MET B 237 -19.15 -9.25 9.56
CA MET B 237 -18.56 -9.31 10.90
C MET B 237 -19.58 -8.96 12.01
N ALA B 238 -20.43 -7.92 11.79
CA ALA B 238 -21.44 -7.48 12.76
C ALA B 238 -22.54 -8.52 12.91
N GLU B 239 -22.86 -9.23 11.82
CA GLU B 239 -23.87 -10.30 11.74
C GLU B 239 -23.40 -11.56 12.50
N VAL B 240 -22.18 -12.06 12.18
CA VAL B 240 -21.62 -13.27 12.82
C VAL B 240 -21.12 -13.00 14.24
N GLY B 241 -20.81 -11.74 14.55
CA GLY B 241 -20.31 -11.33 15.85
C GLY B 241 -18.79 -11.25 15.84
N TYR B 242 -18.24 -10.23 16.53
CA TYR B 242 -16.80 -9.96 16.65
C TYR B 242 -16.05 -11.12 17.30
N ASP B 243 -14.97 -11.54 16.66
CA ASP B 243 -14.11 -12.62 17.14
C ASP B 243 -12.74 -12.02 17.42
N ARG B 244 -12.42 -11.84 18.71
CA ARG B 244 -11.16 -11.27 19.15
C ARG B 244 -9.92 -12.14 18.78
N ASN B 245 -10.16 -13.38 18.29
CA ASN B 245 -9.08 -14.28 17.86
C ASN B 245 -8.88 -14.26 16.35
N ASN B 246 -9.79 -13.57 15.61
CA ASN B 246 -9.74 -13.43 14.15
C ASN B 246 -9.02 -12.11 13.79
N LYS B 247 -7.89 -12.20 13.06
CA LYS B 247 -7.05 -11.09 12.61
C LYS B 247 -7.76 -10.16 11.64
N GLN B 248 -8.53 -10.73 10.68
CA GLN B 248 -9.29 -9.91 9.73
C GLN B 248 -10.31 -9.06 10.52
N HIS B 249 -10.91 -9.61 11.60
CA HIS B 249 -11.85 -8.88 12.44
C HIS B 249 -11.19 -7.69 13.12
N HIS B 250 -9.92 -7.84 13.58
CA HIS B 250 -9.18 -6.73 14.22
C HIS B 250 -8.97 -5.62 13.19
N ARG B 251 -8.57 -5.98 11.95
CA ARG B 251 -8.34 -5.05 10.84
C ARG B 251 -9.63 -4.33 10.43
N LEU B 252 -10.73 -5.07 10.27
CA LEU B 252 -12.04 -4.52 9.91
C LEU B 252 -12.53 -3.57 11.01
N LEU B 253 -12.37 -3.96 12.28
CA LEU B 253 -12.76 -3.11 13.40
C LEU B 253 -11.98 -1.80 13.40
N LEU B 254 -10.66 -1.86 13.16
CA LEU B 254 -9.84 -0.65 13.13
C LEU B 254 -10.33 0.31 12.04
N CYS B 255 -10.73 -0.22 10.85
CA CYS B 255 -11.26 0.60 9.76
C CYS B 255 -12.56 1.29 10.17
N LEU B 256 -13.48 0.52 10.75
CA LEU B 256 -14.76 1.05 11.21
C LEU B 256 -14.58 2.12 12.28
N LEU B 257 -13.69 1.87 13.25
CA LEU B 257 -13.42 2.83 14.31
C LEU B 257 -12.83 4.09 13.73
N MET B 258 -11.92 3.99 12.74
CA MET B 258 -11.32 5.17 12.11
C MET B 258 -12.41 6.04 11.43
N THR B 259 -13.29 5.43 10.64
CA THR B 259 -14.37 6.18 10.00
C THR B 259 -15.35 6.80 11.04
N SER B 260 -15.56 6.12 12.20
N SER B 260 -15.58 6.13 12.19
CA SER B 260 -16.44 6.58 13.28
CA SER B 260 -16.49 6.64 13.23
C SER B 260 -15.85 7.83 13.97
C SER B 260 -15.86 7.88 13.90
N CYS B 261 -14.52 7.90 14.07
CA CYS B 261 -13.80 9.03 14.67
C CYS B 261 -13.83 10.19 13.67
N ASP B 262 -13.58 9.89 12.39
CA ASP B 262 -13.57 10.86 11.30
C ASP B 262 -14.91 11.60 11.15
N LEU B 263 -16.04 10.91 11.37
CA LEU B 263 -17.37 11.54 11.24
C LEU B 263 -17.98 11.87 12.58
N SER B 264 -17.20 11.81 13.68
CA SER B 264 -17.70 12.01 15.04
C SER B 264 -18.34 13.37 15.31
N ASP B 265 -18.12 14.41 14.46
CA ASP B 265 -18.83 15.70 14.62
C ASP B 265 -20.36 15.49 14.50
N GLN B 266 -20.81 14.41 13.81
CA GLN B 266 -22.22 14.08 13.60
C GLN B 266 -22.89 13.55 14.86
N THR B 267 -22.09 13.13 15.87
CA THR B 267 -22.59 12.58 17.13
C THR B 267 -22.74 13.65 18.21
N LYS B 268 -22.52 14.93 17.87
CA LYS B 268 -22.62 15.96 18.90
C LYS B 268 -24.00 16.62 18.82
N GLY B 269 -24.19 17.74 19.49
CA GLY B 269 -25.46 18.47 19.48
C GLY B 269 -25.71 19.15 18.16
N TRP B 270 -26.94 19.65 17.96
CA TRP B 270 -27.34 20.31 16.72
C TRP B 270 -26.49 21.54 16.36
N LYS B 271 -26.08 22.34 17.35
CA LYS B 271 -25.24 23.52 17.16
C LYS B 271 -23.92 23.12 16.48
N THR B 272 -23.32 21.99 16.91
CA THR B 272 -22.07 21.51 16.33
C THR B 272 -22.29 21.05 14.91
N THR B 273 -23.30 20.19 14.67
CA THR B 273 -23.52 19.65 13.31
C THR B 273 -23.89 20.75 12.31
N ARG B 274 -24.60 21.81 12.74
CA ARG B 274 -24.93 22.92 11.84
C ARG B 274 -23.65 23.70 11.49
N LYS B 275 -22.81 24.00 12.50
CA LYS B 275 -21.54 24.72 12.31
C LYS B 275 -20.58 23.91 11.41
N ILE B 276 -20.51 22.60 11.60
CA ILE B 276 -19.64 21.73 10.82
C ILE B 276 -20.10 21.71 9.37
N ALA B 277 -21.45 21.66 9.12
CA ALA B 277 -21.96 21.69 7.76
C ALA B 277 -21.54 22.99 7.09
N GLU B 278 -21.65 24.13 7.79
CA GLU B 278 -21.22 25.42 7.24
C GLU B 278 -19.72 25.36 6.82
N LEU B 279 -18.83 24.80 7.68
CA LEU B 279 -17.39 24.68 7.37
C LEU B 279 -17.15 23.74 6.18
N ILE B 280 -17.82 22.58 6.16
CA ILE B 280 -17.74 21.63 5.06
C ILE B 280 -18.12 22.31 3.71
N TYR B 281 -19.27 23.00 3.64
CA TYR B 281 -19.69 23.61 2.36
C TYR B 281 -18.88 24.84 2.03
N LYS B 282 -18.37 25.58 3.01
CA LYS B 282 -17.49 26.70 2.71
C LYS B 282 -16.23 26.13 1.99
N GLU B 283 -15.73 24.97 2.45
CA GLU B 283 -14.56 24.32 1.84
C GLU B 283 -14.95 23.73 0.46
N PHE B 284 -16.09 23.03 0.39
CA PHE B 284 -16.50 22.43 -0.88
C PHE B 284 -16.76 23.50 -1.96
N PHE B 285 -17.45 24.59 -1.59
CA PHE B 285 -17.79 25.68 -2.52
C PHE B 285 -16.57 26.42 -3.03
N SER B 286 -15.50 26.53 -2.23
CA SER B 286 -14.26 27.17 -2.69
C SER B 286 -13.60 26.28 -3.75
N GLN B 287 -13.62 24.92 -3.56
CA GLN B 287 -13.09 24.01 -4.60
C GLN B 287 -13.95 24.16 -5.88
N GLY B 288 -15.28 24.25 -5.72
CA GLY B 288 -16.21 24.43 -6.84
C GLY B 288 -15.94 25.71 -7.60
N ASP B 289 -15.67 26.82 -6.88
CA ASP B 289 -15.34 28.13 -7.46
C ASP B 289 -14.02 28.03 -8.23
N LEU B 290 -13.03 27.30 -7.65
CA LEU B 290 -11.72 27.10 -8.25
C LEU B 290 -11.83 26.28 -9.53
N GLU B 291 -12.69 25.26 -9.55
CA GLU B 291 -12.92 24.41 -10.72
C GLU B 291 -13.55 25.24 -11.87
N LYS B 292 -14.48 26.15 -11.52
CA LYS B 292 -15.13 27.07 -12.48
C LYS B 292 -14.10 28.02 -13.09
N ALA B 293 -13.20 28.58 -12.25
CA ALA B 293 -12.10 29.47 -12.67
C ALA B 293 -11.15 28.74 -13.64
N MET B 294 -11.03 27.39 -13.51
CA MET B 294 -10.21 26.52 -14.37
C MET B 294 -11.03 26.07 -15.62
N GLY B 295 -12.23 26.60 -15.78
CA GLY B 295 -13.12 26.26 -16.89
C GLY B 295 -13.81 24.91 -16.82
N ASN B 296 -13.78 24.25 -15.63
CA ASN B 296 -14.41 22.95 -15.41
C ASN B 296 -15.73 23.07 -14.67
N ARG B 297 -16.60 22.07 -14.84
CA ARG B 297 -17.90 22.02 -14.18
C ARG B 297 -17.73 21.17 -12.90
N PRO B 298 -17.88 21.77 -11.70
CA PRO B 298 -17.69 20.97 -10.48
C PRO B 298 -18.86 20.03 -10.17
N MET B 299 -18.68 19.14 -9.16
CA MET B 299 -19.75 18.24 -8.68
C MET B 299 -20.88 19.17 -8.18
N GLU B 300 -22.14 18.75 -8.27
CA GLU B 300 -23.30 19.53 -7.82
C GLU B 300 -23.16 19.98 -6.35
N MET B 301 -22.68 19.06 -5.47
CA MET B 301 -22.50 19.35 -4.05
C MET B 301 -21.42 20.41 -3.79
N MET B 302 -20.56 20.68 -4.79
CA MET B 302 -19.48 21.66 -4.66
C MET B 302 -19.75 22.95 -5.40
N ASP B 303 -20.91 23.02 -6.05
CA ASP B 303 -21.34 24.19 -6.81
C ASP B 303 -22.32 25.01 -5.98
N ARG B 304 -21.89 26.18 -5.47
CA ARG B 304 -22.74 27.03 -4.63
C ARG B 304 -24.03 27.51 -5.35
N GLU B 305 -24.11 27.35 -6.69
CA GLU B 305 -25.28 27.74 -7.50
C GLU B 305 -26.29 26.59 -7.62
N LYS B 306 -25.84 25.34 -7.45
CA LYS B 306 -26.69 24.13 -7.58
C LYS B 306 -26.98 23.39 -6.27
N ALA B 307 -26.03 23.43 -5.31
CA ALA B 307 -26.13 22.70 -4.04
C ALA B 307 -27.29 23.10 -3.13
N TYR B 308 -28.06 22.11 -2.68
CA TYR B 308 -29.15 22.33 -1.72
C TYR B 308 -28.73 21.54 -0.49
N ILE B 309 -28.10 22.26 0.45
CA ILE B 309 -27.47 21.71 1.67
C ILE B 309 -28.38 20.78 2.49
N PRO B 310 -29.65 21.10 2.86
CA PRO B 310 -30.42 20.14 3.67
C PRO B 310 -30.53 18.75 3.05
N GLU B 311 -30.85 18.70 1.74
CA GLU B 311 -30.97 17.43 1.00
C GLU B 311 -29.62 16.73 0.89
N LEU B 312 -28.53 17.49 0.66
CA LEU B 312 -27.19 16.92 0.60
C LEU B 312 -26.81 16.34 1.96
N GLN B 313 -27.10 17.06 3.04
CA GLN B 313 -26.81 16.59 4.40
C GLN B 313 -27.69 15.39 4.79
N ILE B 314 -28.98 15.36 4.39
CA ILE B 314 -29.86 14.21 4.68
C ILE B 314 -29.28 12.96 3.98
N SER B 315 -28.91 13.09 2.70
CA SER B 315 -28.33 11.99 1.91
C SER B 315 -27.02 11.48 2.52
N PHE B 316 -26.15 12.40 2.96
CA PHE B 316 -24.87 12.04 3.60
C PHE B 316 -25.14 11.24 4.89
N MET B 317 -26.09 11.70 5.73
CA MET B 317 -26.44 11.05 7.00
C MET B 317 -27.00 9.64 6.78
N GLU B 318 -27.98 9.50 5.88
CA GLU B 318 -28.62 8.21 5.61
C GLU B 318 -27.72 7.21 4.92
N HIS B 319 -26.90 7.64 3.95
CA HIS B 319 -26.08 6.70 3.20
C HIS B 319 -24.64 6.55 3.68
N ILE B 320 -24.10 7.53 4.43
CA ILE B 320 -22.72 7.40 4.91
C ILE B 320 -22.64 7.28 6.45
N ALA B 321 -22.94 8.38 7.17
CA ALA B 321 -22.82 8.45 8.64
C ALA B 321 -23.65 7.42 9.46
N MET B 322 -24.98 7.37 9.28
CA MET B 322 -25.87 6.45 10.01
C MET B 322 -25.51 4.97 9.85
N PRO B 323 -25.16 4.42 8.65
CA PRO B 323 -24.79 2.99 8.60
C PRO B 323 -23.49 2.70 9.37
N ILE B 324 -22.54 3.68 9.47
CA ILE B 324 -21.31 3.51 10.26
C ILE B 324 -21.67 3.39 11.75
N TYR B 325 -22.52 4.29 12.26
CA TYR B 325 -22.89 4.24 13.68
C TYR B 325 -23.86 3.08 13.98
N LYS B 326 -24.61 2.62 12.97
CA LYS B 326 -25.50 1.46 13.12
C LYS B 326 -24.61 0.21 13.28
N LEU B 327 -23.54 0.10 12.49
CA LEU B 327 -22.59 -1.01 12.61
C LEU B 327 -21.89 -0.96 13.97
N LEU B 328 -21.51 0.26 14.42
CA LEU B 328 -20.83 0.45 15.72
C LEU B 328 -21.72 0.01 16.89
N GLN B 329 -23.01 0.36 16.83
CA GLN B 329 -24.00 -0.03 17.85
C GLN B 329 -24.19 -1.56 17.83
N ASP B 330 -24.15 -2.19 16.64
CA ASP B 330 -24.30 -3.64 16.49
C ASP B 330 -23.18 -4.40 17.17
N LEU B 331 -21.95 -3.86 17.09
CA LEU B 331 -20.77 -4.45 17.72
C LEU B 331 -20.63 -4.06 19.20
N PHE B 332 -21.05 -2.82 19.54
CA PHE B 332 -20.95 -2.28 20.89
C PHE B 332 -22.31 -1.69 21.35
N PRO B 333 -23.14 -2.42 22.15
CA PRO B 333 -24.43 -1.84 22.58
C PRO B 333 -24.33 -0.48 23.27
N LYS B 334 -23.22 -0.21 24.00
CA LYS B 334 -22.99 1.08 24.66
C LYS B 334 -22.83 2.24 23.64
N ALA B 335 -22.68 1.92 22.32
CA ALA B 335 -22.56 2.92 21.25
C ALA B 335 -23.94 3.31 20.71
N ALA B 336 -25.02 2.72 21.26
CA ALA B 336 -26.41 3.03 20.84
C ALA B 336 -26.71 4.53 20.94
N GLU B 337 -26.21 5.21 22.00
CA GLU B 337 -26.43 6.65 22.18
C GLU B 337 -25.84 7.51 21.02
N LEU B 338 -24.75 7.04 20.38
CA LEU B 338 -24.12 7.73 19.24
C LEU B 338 -25.02 7.65 18.02
N TYR B 339 -25.48 6.42 17.72
CA TYR B 339 -26.38 6.20 16.59
C TYR B 339 -27.63 7.07 16.74
N GLU B 340 -28.23 7.08 17.94
CA GLU B 340 -29.43 7.86 18.23
C GLU B 340 -29.20 9.35 18.02
N ARG B 341 -28.01 9.85 18.42
CA ARG B 341 -27.69 11.27 18.22
C ARG B 341 -27.56 11.58 16.73
N VAL B 342 -26.90 10.70 15.95
CA VAL B 342 -26.72 10.90 14.50
C VAL B 342 -28.11 10.92 13.84
N ALA B 343 -28.98 9.96 14.21
CA ALA B 343 -30.36 9.86 13.70
C ALA B 343 -31.19 11.12 14.03
N SER B 344 -31.01 11.66 15.24
CA SER B 344 -31.68 12.87 15.73
C SER B 344 -31.22 14.10 14.92
N ASN B 345 -29.90 14.17 14.55
CA ASN B 345 -29.38 15.28 13.74
C ASN B 345 -29.93 15.20 12.31
N ARG B 346 -30.13 13.94 11.81
CA ARG B 346 -30.71 13.73 10.47
C ARG B 346 -32.15 14.29 10.47
N GLU B 347 -32.91 14.08 11.56
CA GLU B 347 -34.29 14.58 11.69
C GLU B 347 -34.31 16.11 11.74
N HIS B 348 -33.30 16.74 12.37
CA HIS B 348 -33.15 18.20 12.41
C HIS B 348 -32.97 18.75 10.99
N TRP B 349 -32.19 18.04 10.12
CA TRP B 349 -32.01 18.47 8.74
C TRP B 349 -33.37 18.41 8.01
N THR B 350 -34.21 17.38 8.31
CA THR B 350 -35.55 17.26 7.72
C THR B 350 -36.39 18.46 8.12
N LYS B 351 -36.33 18.89 9.41
CA LYS B 351 -37.07 20.06 9.91
C LYS B 351 -36.58 21.31 9.20
N VAL B 352 -35.23 21.45 9.06
CA VAL B 352 -34.55 22.57 8.39
C VAL B 352 -35.00 22.68 6.91
N SER B 353 -35.17 21.52 6.23
CA SER B 353 -35.57 21.46 4.81
C SER B 353 -36.98 22.10 4.54
N HIS B 354 -37.78 22.32 5.60
CA HIS B 354 -39.12 22.95 5.51
C HIS B 354 -39.07 24.44 5.87
N LYS B 355 -37.84 25.00 6.04
CA LYS B 355 -37.59 26.42 6.38
C LYS B 355 -36.20 26.87 5.91
N PHE B 356 -35.79 26.41 4.70
CA PHE B 356 -34.49 26.69 4.08
C PHE B 356 -34.74 26.78 2.59
N THR B 357 -34.81 27.99 2.08
CA THR B 357 -35.17 28.17 0.68
C THR B 357 -34.07 28.71 -0.21
N ILE B 358 -32.78 28.39 0.05
CA ILE B 358 -31.69 28.88 -0.80
C ILE B 358 -30.77 27.78 -1.32
N ARG B 359 -30.06 28.09 -2.40
CA ARG B 359 -29.06 27.21 -3.01
C ARG B 359 -27.70 27.71 -2.50
N GLY B 360 -26.83 26.79 -2.11
CA GLY B 360 -25.54 27.12 -1.52
C GLY B 360 -25.69 27.68 -0.12
N LEU B 361 -24.84 28.62 0.24
CA LEU B 361 -24.81 29.27 1.55
C LEU B 361 -25.30 30.72 1.40
N PRO B 362 -25.83 31.37 2.47
CA PRO B 362 -26.24 32.79 2.33
C PRO B 362 -25.00 33.65 2.04
N SER B 363 -25.20 34.90 1.55
CA SER B 363 -24.11 35.82 1.20
C SER B 363 -23.10 36.07 2.34
N ASN B 364 -23.50 35.85 3.61
CA ASN B 364 -22.61 36.02 4.76
C ASN B 364 -21.95 34.70 5.21
N ASN B 365 -22.10 33.59 4.43
CA ASN B 365 -21.55 32.26 4.72
C ASN B 365 -21.93 31.70 6.09
N SER B 366 -23.12 32.07 6.59
CA SER B 366 -23.54 31.60 7.91
C SER B 366 -24.89 30.92 7.91
N LEU B 367 -25.02 29.84 8.71
CA LEU B 367 -26.25 29.09 8.86
C LEU B 367 -27.00 29.53 10.13
N ASP B 368 -26.64 30.71 10.67
CA ASP B 368 -27.23 31.29 11.87
C ASP B 368 -28.69 31.76 11.67
N PHE B 369 -29.09 32.02 10.41
CA PHE B 369 -30.45 32.43 10.02
C PHE B 369 -31.52 31.38 10.42
N LEU B 370 -31.07 30.19 10.89
CA LEU B 370 -31.91 29.07 11.30
C LEU B 370 -32.19 29.07 12.80
#